data_5QCH
#
_entry.id   5QCH
#
_cell.length_a   54.120
_cell.length_b   68.130
_cell.length_c   79.020
_cell.angle_alpha   88.06
_cell.angle_beta   87.69
_cell.angle_gamma   73.08
#
_symmetry.space_group_name_H-M   'P 1'
#
loop_
_entity.id
_entity.type
_entity.pdbx_description
1 polymer 'Cathepsin S'
2 non-polymer 'SULFATE ION'
3 non-polymer 2-(3-[3-({3-[(benzylamino)methyl]-4-chlorophenyl}ethynyl)-4-chlorophenyl]-1-{3-[(3S)-3-methylmorpholin-4-yl]propyl}-1,4,6,7-tetrahydro-5H-pyrazolo[4,3-c]pyridin-5-yl)-2-oxoacetamide
4 non-polymer GLYCEROL
5 water water
#
_entity_poly.entity_id   1
_entity_poly.type   'polypeptide(L)'
_entity_poly.pdbx_seq_one_letter_code
;ILPDSVDWREKGCVTEVKYQGSCGASWAFSAVGALEAQLKLKTGKLVSLSAQNLVDCSTEKYGNKGCNGGFMTTAFQYII
DNKGIDSDASYPYKAMDQKCQYDSKYRAATCSKYTELPYGREDVLKEAVANKGPVSVGVDARHPSFFLYRSGVYYEPSCT
QNVNHGVLVVGYGDLNGKEYWLVKNSWGHNFGEEGYIRMARNKGNHCGIASFPSYPEILQGGG
;
_entity_poly.pdbx_strand_id   A,B,C,D
#
# COMPACT_ATOMS: atom_id res chain seq x y z
N ILE A 1 -15.53 -41.13 -36.54
CA ILE A 1 -16.94 -40.96 -36.19
C ILE A 1 -17.17 -41.08 -34.70
N LEU A 2 -18.14 -40.34 -34.15
CA LEU A 2 -18.44 -40.43 -32.72
C LEU A 2 -19.39 -41.62 -32.49
N PRO A 3 -19.19 -42.44 -31.43
CA PRO A 3 -20.17 -43.52 -31.17
C PRO A 3 -21.55 -42.92 -30.93
N ASP A 4 -22.62 -43.59 -31.40
CA ASP A 4 -24.00 -43.14 -31.25
C ASP A 4 -24.43 -42.98 -29.81
N SER A 5 -23.86 -43.82 -28.92
CA SER A 5 -24.14 -43.86 -27.49
C SER A 5 -22.87 -43.97 -26.66
N VAL A 6 -22.84 -43.28 -25.52
CA VAL A 6 -21.74 -43.28 -24.56
C VAL A 6 -22.32 -43.40 -23.17
N ASP A 7 -21.67 -44.18 -22.31
CA ASP A 7 -22.00 -44.34 -20.89
C ASP A 7 -20.68 -44.59 -20.16
N TRP A 8 -20.18 -43.54 -19.47
CA TRP A 8 -18.90 -43.61 -18.74
C TRP A 8 -18.94 -44.51 -17.51
N ARG A 9 -20.13 -44.91 -17.04
CA ARG A 9 -20.31 -45.85 -15.91
C ARG A 9 -19.82 -47.24 -16.35
N GLU A 10 -19.96 -47.55 -17.65
CA GLU A 10 -19.51 -48.82 -18.26
C GLU A 10 -17.98 -48.95 -18.26
N LYS A 11 -17.27 -47.83 -18.17
CA LYS A 11 -15.81 -47.83 -18.16
C LYS A 11 -15.26 -47.61 -16.75
N GLY A 12 -16.14 -47.68 -15.75
CA GLY A 12 -15.83 -47.53 -14.33
C GLY A 12 -15.31 -46.16 -13.96
N CYS A 13 -15.74 -45.13 -14.71
CA CYS A 13 -15.31 -43.73 -14.55
C CYS A 13 -16.25 -42.89 -13.68
N VAL A 14 -17.33 -43.51 -13.17
CA VAL A 14 -18.35 -42.79 -12.39
C VAL A 14 -18.51 -43.38 -10.98
N THR A 15 -18.36 -42.52 -9.95
CA THR A 15 -18.51 -42.97 -8.57
C THR A 15 -19.99 -43.05 -8.22
N GLU A 16 -20.31 -43.58 -7.02
CA GLU A 16 -21.68 -43.68 -6.52
C GLU A 16 -22.30 -42.29 -6.44
N VAL A 17 -23.62 -42.22 -6.70
CA VAL A 17 -24.42 -40.99 -6.63
C VAL A 17 -24.36 -40.45 -5.18
N LYS A 18 -24.16 -39.14 -5.02
CA LYS A 18 -24.07 -38.46 -3.75
C LYS A 18 -25.38 -37.73 -3.39
N TYR A 19 -25.57 -37.45 -2.10
CA TYR A 19 -26.76 -36.76 -1.58
C TYR A 19 -26.32 -35.43 -0.98
N GLN A 20 -26.55 -34.33 -1.71
CA GLN A 20 -26.12 -32.99 -1.29
C GLN A 20 -26.88 -32.48 -0.06
N GLY A 21 -28.12 -32.94 0.12
CA GLY A 21 -28.98 -32.53 1.23
C GLY A 21 -29.27 -31.04 1.23
N SER A 22 -29.39 -30.45 2.43
CA SER A 22 -29.69 -29.03 2.62
C SER A 22 -28.46 -28.13 2.48
N CYS A 23 -27.73 -28.29 1.39
CA CYS A 23 -26.55 -27.51 1.08
C CYS A 23 -26.50 -27.35 -0.44
N GLY A 24 -26.59 -26.10 -0.86
CA GLY A 24 -26.59 -25.73 -2.28
C GLY A 24 -25.20 -25.78 -2.88
N ALA A 25 -24.59 -26.98 -2.85
CA ALA A 25 -23.24 -27.21 -3.36
C ALA A 25 -23.22 -28.14 -4.56
N SER A 26 -24.25 -28.06 -5.44
CA SER A 26 -24.29 -28.89 -6.66
C SER A 26 -23.03 -28.64 -7.52
N TRP A 27 -22.52 -27.38 -7.51
CA TRP A 27 -21.33 -26.96 -8.24
C TRP A 27 -20.08 -27.79 -7.83
N ALA A 28 -19.95 -28.08 -6.52
CA ALA A 28 -18.83 -28.83 -5.96
C ALA A 28 -18.96 -30.31 -6.38
N PHE A 29 -20.20 -30.84 -6.36
CA PHE A 29 -20.44 -32.22 -6.78
C PHE A 29 -20.21 -32.41 -8.27
N SER A 30 -20.65 -31.43 -9.08
CA SER A 30 -20.46 -31.46 -10.52
C SER A 30 -18.96 -31.42 -10.86
N ALA A 31 -18.19 -30.55 -10.18
CA ALA A 31 -16.75 -30.43 -10.40
C ALA A 31 -15.99 -31.69 -9.99
N VAL A 32 -16.30 -32.29 -8.80
CA VAL A 32 -15.59 -33.50 -8.35
C VAL A 32 -15.89 -34.69 -9.28
N GLY A 33 -17.13 -34.81 -9.74
CA GLY A 33 -17.55 -35.90 -10.61
C GLY A 33 -16.75 -35.95 -11.89
N ALA A 34 -16.55 -34.77 -12.51
CA ALA A 34 -15.79 -34.62 -13.74
C ALA A 34 -14.32 -35.00 -13.51
N LEU A 35 -13.72 -34.58 -12.38
CA LEU A 35 -12.31 -34.89 -12.05
C LEU A 35 -12.11 -36.36 -11.66
N GLU A 36 -13.10 -36.98 -10.99
CA GLU A 36 -13.09 -38.40 -10.61
C GLU A 36 -12.91 -39.28 -11.84
N ALA A 37 -13.58 -38.94 -12.95
CA ALA A 37 -13.51 -39.65 -14.24
C ALA A 37 -12.11 -39.53 -14.82
N GLN A 38 -11.52 -38.33 -14.76
CA GLN A 38 -10.17 -38.06 -15.25
C GLN A 38 -9.13 -38.82 -14.44
N LEU A 39 -9.30 -38.88 -13.10
CA LEU A 39 -8.40 -39.60 -12.20
C LEU A 39 -8.38 -41.08 -12.58
N LYS A 40 -9.56 -41.65 -12.87
CA LYS A 40 -9.67 -43.04 -13.27
C LYS A 40 -9.03 -43.27 -14.62
N LEU A 41 -9.35 -42.43 -15.61
CA LEU A 41 -8.78 -42.50 -16.96
C LEU A 41 -7.24 -42.51 -16.94
N LYS A 42 -6.62 -41.65 -16.09
CA LYS A 42 -5.17 -41.47 -16.00
C LYS A 42 -4.41 -42.46 -15.09
N THR A 43 -5.04 -42.97 -14.03
CA THR A 43 -4.37 -43.87 -13.08
C THR A 43 -4.94 -45.30 -13.03
N GLY A 44 -6.20 -45.45 -13.43
CA GLY A 44 -6.88 -46.73 -13.37
C GLY A 44 -7.65 -46.92 -12.08
N LYS A 45 -7.63 -45.92 -11.19
CA LYS A 45 -8.34 -46.01 -9.91
C LYS A 45 -9.46 -45.01 -9.76
N LEU A 46 -10.64 -45.50 -9.37
CA LEU A 46 -11.84 -44.72 -9.12
C LEU A 46 -11.91 -44.42 -7.62
N VAL A 47 -11.85 -43.12 -7.27
CA VAL A 47 -11.94 -42.67 -5.89
C VAL A 47 -12.78 -41.38 -5.85
N SER A 48 -13.76 -41.33 -4.93
CA SER A 48 -14.63 -40.16 -4.74
C SER A 48 -13.80 -39.02 -4.20
N LEU A 49 -13.96 -37.84 -4.80
CA LEU A 49 -13.21 -36.66 -4.37
C LEU A 49 -14.06 -35.79 -3.46
N SER A 50 -13.41 -35.04 -2.58
CA SER A 50 -14.08 -34.25 -1.56
C SER A 50 -14.80 -33.00 -2.09
N ALA A 51 -16.15 -33.07 -2.14
CA ALA A 51 -16.97 -31.92 -2.49
C ALA A 51 -16.88 -30.90 -1.33
N GLN A 52 -16.71 -31.40 -0.07
CA GLN A 52 -16.57 -30.60 1.15
C GLN A 52 -15.34 -29.71 1.09
N ASN A 53 -14.22 -30.26 0.54
CA ASN A 53 -12.96 -29.54 0.31
C ASN A 53 -13.21 -28.31 -0.57
N LEU A 54 -14.07 -28.43 -1.61
CA LEU A 54 -14.43 -27.30 -2.48
C LEU A 54 -15.31 -26.28 -1.75
N VAL A 55 -16.31 -26.77 -1.00
CA VAL A 55 -17.25 -25.96 -0.20
C VAL A 55 -16.50 -25.08 0.81
N ASP A 56 -15.57 -25.67 1.52
CA ASP A 56 -14.82 -24.99 2.57
C ASP A 56 -13.63 -24.17 2.10
N CYS A 57 -13.03 -24.57 0.98
CA CYS A 57 -11.79 -23.94 0.52
C CYS A 57 -11.87 -23.15 -0.78
N SER A 58 -12.71 -23.55 -1.75
CA SER A 58 -12.82 -22.77 -2.99
C SER A 58 -13.93 -21.77 -2.71
N THR A 59 -13.58 -20.68 -2.02
CA THR A 59 -14.56 -19.70 -1.51
C THR A 59 -14.50 -18.35 -2.26
N GLU A 60 -14.53 -17.21 -1.51
CA GLU A 60 -14.56 -15.82 -2.04
C GLU A 60 -13.59 -15.54 -3.19
N LYS A 61 -12.33 -15.97 -3.07
CA LYS A 61 -11.28 -15.79 -4.08
C LYS A 61 -11.68 -16.46 -5.41
N TYR A 62 -12.61 -17.42 -5.37
CA TYR A 62 -13.09 -18.16 -6.53
C TYR A 62 -14.51 -17.81 -6.92
N GLY A 63 -15.06 -16.74 -6.31
CA GLY A 63 -16.41 -16.27 -6.54
C GLY A 63 -17.48 -17.28 -6.14
N ASN A 64 -17.14 -18.19 -5.19
CA ASN A 64 -18.03 -19.26 -4.72
C ASN A 64 -18.51 -18.98 -3.30
N LYS A 65 -19.69 -19.54 -2.95
CA LYS A 65 -20.33 -19.28 -1.66
C LYS A 65 -20.75 -20.56 -0.91
N GLY A 66 -19.99 -21.64 -1.12
CA GLY A 66 -20.21 -22.95 -0.52
C GLY A 66 -21.61 -23.47 -0.70
N CYS A 67 -22.37 -23.57 0.43
CA CYS A 67 -23.76 -24.04 0.46
C CYS A 67 -24.74 -23.06 -0.21
N ASN A 68 -24.28 -21.87 -0.61
CA ASN A 68 -25.13 -20.88 -1.28
C ASN A 68 -24.72 -20.67 -2.75
N GLY A 69 -24.14 -21.71 -3.37
CA GLY A 69 -23.78 -21.71 -4.78
C GLY A 69 -22.32 -21.48 -5.10
N GLY A 70 -22.00 -21.66 -6.36
CA GLY A 70 -20.65 -21.53 -6.88
C GLY A 70 -20.56 -21.99 -8.33
N PHE A 71 -19.33 -22.15 -8.83
CA PHE A 71 -19.06 -22.52 -10.22
C PHE A 71 -18.05 -23.63 -10.32
N MET A 72 -18.24 -24.51 -11.31
CA MET A 72 -17.33 -25.64 -11.57
C MET A 72 -15.99 -25.16 -12.11
N THR A 73 -15.98 -24.15 -12.99
CA THR A 73 -14.73 -23.59 -13.55
C THR A 73 -13.76 -23.09 -12.46
N THR A 74 -14.26 -22.27 -11.51
CA THR A 74 -13.44 -21.73 -10.42
C THR A 74 -13.11 -22.80 -9.38
N ALA A 75 -13.92 -23.87 -9.29
CA ALA A 75 -13.68 -25.01 -8.44
C ALA A 75 -12.45 -25.74 -8.99
N PHE A 76 -12.37 -25.88 -10.35
CA PHE A 76 -11.20 -26.47 -11.03
C PHE A 76 -9.97 -25.60 -10.84
N GLN A 77 -10.13 -24.25 -10.94
CA GLN A 77 -9.04 -23.30 -10.71
C GLN A 77 -8.45 -23.44 -9.29
N TYR A 78 -9.32 -23.58 -8.25
CA TYR A 78 -8.88 -23.81 -6.88
C TYR A 78 -8.02 -25.07 -6.81
N ILE A 79 -8.46 -26.16 -7.46
CA ILE A 79 -7.73 -27.44 -7.48
C ILE A 79 -6.37 -27.26 -8.14
N ILE A 80 -6.34 -26.45 -9.21
CA ILE A 80 -5.08 -26.11 -9.92
C ILE A 80 -4.13 -25.38 -8.92
N ASP A 81 -4.62 -24.26 -8.34
CA ASP A 81 -3.87 -23.40 -7.41
C ASP A 81 -3.40 -24.13 -6.15
N ASN A 82 -4.29 -24.95 -5.57
CA ASN A 82 -4.06 -25.73 -4.36
C ASN A 82 -3.10 -26.90 -4.52
N LYS A 83 -2.79 -27.27 -5.79
CA LYS A 83 -1.92 -28.40 -6.15
C LYS A 83 -2.54 -29.73 -5.67
N GLY A 84 -3.89 -29.77 -5.67
CA GLY A 84 -4.63 -30.95 -5.26
C GLY A 84 -5.97 -30.77 -4.58
N ILE A 85 -6.63 -31.92 -4.38
CA ILE A 85 -7.92 -32.07 -3.70
C ILE A 85 -7.88 -33.37 -2.90
N ASP A 86 -8.41 -33.34 -1.67
CA ASP A 86 -8.48 -34.52 -0.79
C ASP A 86 -9.52 -35.50 -1.27
N SER A 87 -9.37 -36.77 -0.88
CA SER A 87 -10.37 -37.78 -1.21
C SER A 87 -11.61 -37.49 -0.34
N ASP A 88 -12.78 -38.00 -0.75
CA ASP A 88 -14.03 -37.83 0.00
C ASP A 88 -13.93 -38.53 1.36
N ALA A 89 -13.26 -39.70 1.41
CA ALA A 89 -13.08 -40.49 2.63
C ALA A 89 -12.33 -39.72 3.72
N SER A 90 -11.27 -38.97 3.33
CA SER A 90 -10.41 -38.20 4.23
C SER A 90 -11.01 -36.86 4.67
N TYR A 91 -11.81 -36.25 3.81
CA TYR A 91 -12.46 -34.96 4.05
C TYR A 91 -13.97 -35.16 3.72
N PRO A 92 -14.75 -35.84 4.62
CA PRO A 92 -16.15 -36.14 4.30
C PRO A 92 -17.11 -34.96 4.23
N TYR A 93 -18.21 -35.17 3.48
CA TYR A 93 -19.26 -34.19 3.23
C TYR A 93 -20.22 -34.09 4.40
N LYS A 94 -20.43 -32.86 4.89
CA LYS A 94 -21.29 -32.57 6.06
C LYS A 94 -22.50 -31.71 5.72
N ALA A 95 -22.70 -31.36 4.44
CA ALA A 95 -23.81 -30.52 3.97
C ALA A 95 -23.92 -29.19 4.73
N MET A 96 -22.76 -28.57 5.01
CA MET A 96 -22.64 -27.27 5.68
C MET A 96 -21.28 -26.62 5.43
N ASP A 97 -21.23 -25.28 5.60
CA ASP A 97 -20.01 -24.50 5.43
C ASP A 97 -19.14 -24.66 6.66
N GLN A 98 -17.86 -24.99 6.42
CA GLN A 98 -16.90 -25.18 7.51
C GLN A 98 -15.64 -24.39 7.20
N LYS A 99 -14.69 -24.37 8.16
CA LYS A 99 -13.39 -23.75 7.98
C LYS A 99 -12.60 -24.65 7.03
N CYS A 100 -11.75 -24.06 6.18
CA CYS A 100 -10.95 -24.87 5.24
C CYS A 100 -10.03 -25.79 6.05
N GLN A 101 -10.16 -27.11 5.82
CA GLN A 101 -9.38 -28.12 6.50
C GLN A 101 -8.60 -28.99 5.51
N TYR A 102 -8.19 -28.43 4.34
CA TYR A 102 -7.41 -29.18 3.37
C TYR A 102 -6.12 -29.74 4.00
N ASP A 103 -5.83 -30.99 3.70
CA ASP A 103 -4.63 -31.68 4.19
C ASP A 103 -3.96 -32.38 3.03
N SER A 104 -2.82 -31.86 2.57
CA SER A 104 -2.03 -32.38 1.45
C SER A 104 -1.63 -33.85 1.64
N LYS A 105 -1.62 -34.34 2.90
CA LYS A 105 -1.30 -35.72 3.27
C LYS A 105 -2.33 -36.71 2.67
N TYR A 106 -3.57 -36.24 2.45
CA TYR A 106 -4.64 -37.08 1.93
C TYR A 106 -5.13 -36.68 0.54
N ARG A 107 -4.32 -35.89 -0.17
CA ARG A 107 -4.59 -35.43 -1.53
C ARG A 107 -4.67 -36.63 -2.48
N ALA A 108 -5.81 -36.79 -3.16
CA ALA A 108 -6.11 -37.90 -4.05
C ALA A 108 -6.05 -37.54 -5.56
N ALA A 109 -6.22 -36.26 -5.90
CA ALA A 109 -6.15 -35.79 -7.29
C ALA A 109 -5.57 -34.39 -7.45
N THR A 110 -5.07 -34.12 -8.65
CA THR A 110 -4.57 -32.84 -9.08
C THR A 110 -5.42 -32.42 -10.29
N CYS A 111 -5.27 -31.16 -10.74
CA CYS A 111 -5.88 -30.64 -11.94
C CYS A 111 -4.83 -29.81 -12.65
N SER A 112 -4.59 -30.11 -13.94
CA SER A 112 -3.59 -29.38 -14.73
C SER A 112 -4.25 -28.14 -15.35
N LYS A 113 -5.47 -28.34 -15.91
CA LYS A 113 -6.22 -27.32 -16.63
C LYS A 113 -7.70 -27.66 -16.71
N TYR A 114 -8.51 -26.70 -17.21
CA TYR A 114 -9.94 -26.90 -17.47
C TYR A 114 -10.33 -26.22 -18.78
N THR A 115 -11.33 -26.76 -19.45
CA THR A 115 -11.78 -26.23 -20.74
C THR A 115 -13.26 -25.95 -20.69
N GLU A 116 -13.65 -24.75 -21.13
CA GLU A 116 -15.06 -24.36 -21.24
C GLU A 116 -15.49 -24.54 -22.68
N LEU A 117 -16.70 -25.08 -22.89
CA LEU A 117 -17.23 -25.33 -24.23
C LEU A 117 -18.14 -24.19 -24.74
N PRO A 118 -18.26 -23.98 -26.09
CA PRO A 118 -19.15 -22.91 -26.58
C PRO A 118 -20.61 -23.07 -26.19
N TYR A 119 -21.27 -21.95 -25.91
CA TYR A 119 -22.67 -21.89 -25.48
C TYR A 119 -23.62 -22.55 -26.49
N GLY A 120 -24.46 -23.45 -25.98
CA GLY A 120 -25.56 -24.11 -26.70
C GLY A 120 -25.19 -25.10 -27.79
N ARG A 121 -23.89 -25.41 -27.92
CA ARG A 121 -23.39 -26.33 -28.94
C ARG A 121 -23.43 -27.77 -28.48
N GLU A 122 -24.52 -28.46 -28.79
CA GLU A 122 -24.74 -29.86 -28.41
C GLU A 122 -23.86 -30.83 -29.18
N ASP A 123 -23.41 -30.43 -30.39
CA ASP A 123 -22.48 -31.20 -31.22
C ASP A 123 -21.09 -31.21 -30.57
N VAL A 124 -20.62 -30.04 -30.11
CA VAL A 124 -19.33 -29.85 -29.43
C VAL A 124 -19.37 -30.58 -28.05
N LEU A 125 -20.54 -30.53 -27.37
CA LEU A 125 -20.69 -31.21 -26.09
C LEU A 125 -20.61 -32.74 -26.29
N LYS A 126 -21.23 -33.25 -27.38
CA LYS A 126 -21.24 -34.69 -27.74
C LYS A 126 -19.82 -35.18 -28.00
N GLU A 127 -19.04 -34.38 -28.74
CA GLU A 127 -17.65 -34.70 -29.04
C GLU A 127 -16.79 -34.77 -27.77
N ALA A 128 -16.98 -33.80 -26.85
CA ALA A 128 -16.23 -33.75 -25.59
C ALA A 128 -16.58 -34.92 -24.66
N VAL A 129 -17.87 -35.32 -24.60
CA VAL A 129 -18.31 -36.46 -23.78
C VAL A 129 -17.69 -37.76 -24.33
N ALA A 130 -17.68 -37.90 -25.67
CA ALA A 130 -17.11 -39.06 -26.33
C ALA A 130 -15.58 -39.19 -26.18
N ASN A 131 -14.84 -38.09 -26.45
CA ASN A 131 -13.37 -38.07 -26.50
C ASN A 131 -12.63 -37.65 -25.24
N LYS A 132 -13.28 -36.91 -24.36
CA LYS A 132 -12.62 -36.42 -23.15
C LYS A 132 -13.13 -37.12 -21.91
N GLY A 133 -14.45 -37.21 -21.80
CA GLY A 133 -15.07 -37.87 -20.66
C GLY A 133 -16.23 -37.07 -20.11
N PRO A 134 -16.71 -37.40 -18.90
CA PRO A 134 -17.83 -36.64 -18.31
C PRO A 134 -17.58 -35.13 -18.24
N VAL A 135 -18.61 -34.35 -18.60
CA VAL A 135 -18.53 -32.89 -18.69
C VAL A 135 -19.45 -32.24 -17.64
N SER A 136 -18.89 -31.29 -16.85
CA SER A 136 -19.65 -30.53 -15.87
C SER A 136 -20.55 -29.53 -16.61
N VAL A 137 -21.85 -29.48 -16.27
CA VAL A 137 -22.78 -28.59 -16.95
C VAL A 137 -23.76 -28.01 -15.92
N GLY A 138 -24.39 -26.91 -16.30
CA GLY A 138 -25.48 -26.31 -15.57
C GLY A 138 -26.76 -26.70 -16.30
N VAL A 139 -27.88 -26.82 -15.57
CA VAL A 139 -29.20 -27.07 -16.17
C VAL A 139 -30.26 -26.21 -15.49
N ASP A 140 -31.35 -25.92 -16.22
CA ASP A 140 -32.52 -25.27 -15.66
C ASP A 140 -33.30 -26.44 -15.02
N ALA A 141 -33.18 -26.58 -13.70
CA ALA A 141 -33.80 -27.63 -12.91
C ALA A 141 -34.90 -27.12 -11.96
N ARG A 142 -35.38 -25.88 -12.17
CA ARG A 142 -36.37 -25.21 -11.32
C ARG A 142 -37.80 -25.68 -11.48
N HIS A 143 -38.12 -26.26 -12.64
CA HIS A 143 -39.45 -26.68 -12.98
C HIS A 143 -39.95 -27.88 -12.18
N PRO A 144 -41.22 -27.83 -11.70
CA PRO A 144 -41.78 -28.96 -10.94
C PRO A 144 -41.50 -30.33 -11.53
N SER A 145 -41.52 -30.46 -12.88
CA SER A 145 -41.26 -31.73 -13.60
C SER A 145 -39.86 -32.31 -13.34
N PHE A 146 -38.85 -31.45 -13.08
CA PHE A 146 -37.50 -31.95 -12.75
C PHE A 146 -37.56 -32.62 -11.38
N PHE A 147 -38.20 -31.95 -10.42
CA PHE A 147 -38.34 -32.41 -9.04
C PHE A 147 -39.15 -33.70 -8.94
N LEU A 148 -40.08 -33.92 -9.87
CA LEU A 148 -40.97 -35.08 -9.96
C LEU A 148 -40.46 -36.17 -10.93
N TYR A 149 -39.30 -35.94 -11.57
CA TYR A 149 -38.70 -36.89 -12.50
C TYR A 149 -38.43 -38.24 -11.87
N ARG A 150 -38.93 -39.30 -12.53
CA ARG A 150 -38.76 -40.68 -12.14
C ARG A 150 -37.97 -41.43 -13.18
N SER A 151 -38.35 -41.35 -14.49
CA SER A 151 -37.62 -42.13 -15.51
C SER A 151 -37.86 -41.68 -16.93
N GLY A 152 -37.08 -42.23 -17.87
CA GLY A 152 -37.21 -41.93 -19.28
C GLY A 152 -36.53 -40.62 -19.70
N VAL A 153 -36.91 -40.12 -20.89
CA VAL A 153 -36.34 -38.90 -21.45
C VAL A 153 -37.12 -37.70 -20.97
N TYR A 154 -36.45 -36.86 -20.18
CA TYR A 154 -36.98 -35.63 -19.62
C TYR A 154 -37.09 -34.53 -20.65
N TYR A 155 -38.31 -34.07 -20.88
CA TYR A 155 -38.58 -32.94 -21.76
C TYR A 155 -39.58 -32.03 -21.07
N GLU A 156 -39.19 -30.77 -20.85
CA GLU A 156 -40.02 -29.76 -20.20
C GLU A 156 -40.22 -28.57 -21.15
N PRO A 157 -41.43 -28.40 -21.74
CA PRO A 157 -41.66 -27.25 -22.65
C PRO A 157 -41.37 -25.86 -22.07
N SER A 158 -41.52 -25.71 -20.74
CA SER A 158 -41.25 -24.45 -20.02
C SER A 158 -39.78 -24.23 -19.64
N CYS A 159 -38.90 -25.20 -19.98
CA CYS A 159 -37.48 -25.08 -19.72
C CYS A 159 -36.86 -23.91 -20.47
N THR A 160 -35.81 -23.30 -19.89
CA THR A 160 -35.07 -22.18 -20.51
C THR A 160 -33.61 -22.58 -20.57
N GLN A 161 -32.79 -21.78 -21.26
CA GLN A 161 -31.36 -22.02 -21.39
C GLN A 161 -30.58 -21.39 -20.23
N ASN A 162 -31.30 -20.76 -19.28
CA ASN A 162 -30.74 -20.14 -18.08
C ASN A 162 -30.63 -21.18 -17.01
N VAL A 163 -29.39 -21.58 -16.72
CA VAL A 163 -29.05 -22.66 -15.79
C VAL A 163 -29.15 -22.19 -14.34
N ASN A 164 -29.40 -23.15 -13.42
CA ASN A 164 -29.56 -22.87 -12.00
C ASN A 164 -29.17 -24.04 -11.10
N HIS A 165 -28.58 -25.09 -11.67
CA HIS A 165 -28.20 -26.29 -10.91
C HIS A 165 -27.09 -27.04 -11.68
N GLY A 166 -25.99 -27.32 -10.97
CA GLY A 166 -24.83 -28.01 -11.51
C GLY A 166 -24.98 -29.51 -11.46
N VAL A 167 -24.75 -30.16 -12.60
CA VAL A 167 -24.85 -31.61 -12.79
C VAL A 167 -23.67 -32.12 -13.63
N LEU A 168 -23.59 -33.43 -13.87
CA LEU A 168 -22.51 -34.07 -14.62
C LEU A 168 -23.06 -34.87 -15.81
N VAL A 169 -22.62 -34.56 -17.04
CA VAL A 169 -23.05 -35.35 -18.20
C VAL A 169 -22.04 -36.53 -18.29
N VAL A 170 -22.50 -37.76 -18.02
CA VAL A 170 -21.66 -38.98 -18.02
C VAL A 170 -21.87 -39.83 -19.28
N GLY A 171 -22.73 -39.35 -20.17
CA GLY A 171 -23.00 -40.05 -21.42
C GLY A 171 -24.10 -39.44 -22.22
N TYR A 172 -24.52 -40.17 -23.26
CA TYR A 172 -25.60 -39.78 -24.19
C TYR A 172 -26.06 -41.01 -24.95
N GLY A 173 -27.27 -40.94 -25.48
CA GLY A 173 -27.86 -42.00 -26.27
C GLY A 173 -29.25 -41.67 -26.76
N ASP A 174 -30.09 -42.70 -26.91
CA ASP A 174 -31.48 -42.53 -27.34
C ASP A 174 -32.38 -43.64 -26.78
N LEU A 175 -33.62 -43.28 -26.45
CA LEU A 175 -34.61 -44.21 -25.94
C LEU A 175 -35.60 -44.36 -27.09
N ASN A 176 -35.38 -45.41 -27.91
CA ASN A 176 -36.16 -45.74 -29.10
C ASN A 176 -36.29 -44.52 -30.04
N GLY A 177 -35.17 -43.85 -30.28
CA GLY A 177 -35.13 -42.66 -31.13
C GLY A 177 -35.16 -41.33 -30.41
N LYS A 178 -35.67 -41.27 -29.16
CA LYS A 178 -35.68 -40.03 -28.38
C LYS A 178 -34.28 -39.85 -27.76
N GLU A 179 -33.49 -38.95 -28.37
CA GLU A 179 -32.12 -38.67 -27.97
C GLU A 179 -32.06 -38.03 -26.59
N TYR A 180 -31.04 -38.42 -25.82
CA TYR A 180 -30.88 -37.88 -24.48
C TYR A 180 -29.40 -37.70 -24.09
N TRP A 181 -29.18 -36.95 -23.00
CA TRP A 181 -27.92 -36.75 -22.32
C TRP A 181 -28.09 -37.51 -20.99
N LEU A 182 -27.14 -38.40 -20.66
CA LEU A 182 -27.17 -39.16 -19.41
C LEU A 182 -26.55 -38.28 -18.35
N VAL A 183 -27.37 -37.87 -17.38
CA VAL A 183 -26.99 -36.89 -16.36
C VAL A 183 -26.91 -37.46 -14.95
N LYS A 184 -25.77 -37.23 -14.27
CA LYS A 184 -25.59 -37.64 -12.89
C LYS A 184 -25.99 -36.44 -12.02
N ASN A 185 -26.99 -36.61 -11.17
CA ASN A 185 -27.42 -35.57 -10.24
C ASN A 185 -26.81 -35.87 -8.85
N SER A 186 -27.01 -34.97 -7.90
CA SER A 186 -26.49 -35.11 -6.55
C SER A 186 -27.62 -35.05 -5.49
N TRP A 187 -28.75 -35.70 -5.81
CA TRP A 187 -29.93 -35.78 -4.95
C TRP A 187 -30.14 -37.22 -4.43
N GLY A 188 -29.05 -37.99 -4.33
CA GLY A 188 -29.08 -39.37 -3.89
C GLY A 188 -29.67 -40.31 -4.92
N HIS A 189 -29.64 -41.62 -4.65
CA HIS A 189 -30.12 -42.63 -5.58
C HIS A 189 -31.65 -42.70 -5.72
N ASN A 190 -32.43 -42.09 -4.80
CA ASN A 190 -33.89 -42.12 -4.89
C ASN A 190 -34.45 -41.14 -5.92
N PHE A 191 -33.61 -40.21 -6.44
CA PHE A 191 -34.02 -39.30 -7.49
C PHE A 191 -33.88 -40.02 -8.83
N GLY A 192 -34.91 -39.93 -9.65
CA GLY A 192 -34.92 -40.48 -11.00
C GLY A 192 -34.49 -41.92 -11.16
N GLU A 193 -33.66 -42.21 -12.17
CA GLU A 193 -33.17 -43.58 -12.41
C GLU A 193 -31.87 -43.81 -11.65
N GLU A 194 -31.98 -44.26 -10.39
CA GLU A 194 -30.87 -44.54 -9.48
C GLU A 194 -29.94 -43.35 -9.33
N GLY A 195 -30.51 -42.14 -9.30
CA GLY A 195 -29.77 -40.88 -9.13
C GLY A 195 -29.44 -40.16 -10.42
N TYR A 196 -29.87 -40.74 -11.54
CA TYR A 196 -29.61 -40.22 -12.89
C TYR A 196 -30.87 -39.69 -13.53
N ILE A 197 -30.69 -38.75 -14.47
CA ILE A 197 -31.77 -38.15 -15.27
C ILE A 197 -31.31 -38.13 -16.70
N ARG A 198 -32.11 -38.69 -17.61
CA ARG A 198 -31.83 -38.64 -19.04
C ARG A 198 -32.63 -37.45 -19.57
N MET A 199 -31.94 -36.43 -20.08
CA MET A 199 -32.51 -35.16 -20.52
C MET A 199 -32.45 -35.03 -22.02
N ALA A 200 -33.52 -34.48 -22.64
CA ALA A 200 -33.65 -34.30 -24.10
C ALA A 200 -32.40 -33.69 -24.75
N ARG A 201 -31.86 -34.38 -25.77
CA ARG A 201 -30.67 -33.99 -26.51
C ARG A 201 -31.08 -33.60 -27.92
N ASN A 202 -30.39 -32.62 -28.51
CA ASN A 202 -30.61 -32.10 -29.87
C ASN A 202 -32.03 -31.48 -30.00
N LYS A 203 -32.51 -30.89 -28.91
CA LYS A 203 -33.80 -30.20 -28.83
C LYS A 203 -33.57 -28.71 -28.50
N GLY A 204 -32.67 -28.07 -29.26
CA GLY A 204 -32.34 -26.66 -29.15
C GLY A 204 -31.83 -26.21 -27.79
N ASN A 205 -30.81 -26.91 -27.25
CA ASN A 205 -30.20 -26.65 -25.94
C ASN A 205 -31.24 -26.72 -24.82
N HIS A 206 -31.99 -27.82 -24.77
CA HIS A 206 -33.06 -28.06 -23.81
C HIS A 206 -32.56 -27.96 -22.38
N CYS A 207 -33.19 -27.07 -21.59
CA CYS A 207 -32.84 -26.76 -20.20
C CYS A 207 -31.43 -26.17 -20.03
N GLY A 208 -30.84 -25.68 -21.13
CA GLY A 208 -29.51 -25.08 -21.13
C GLY A 208 -28.40 -26.03 -20.77
N ILE A 209 -28.56 -27.32 -21.16
CA ILE A 209 -27.58 -28.36 -20.86
C ILE A 209 -26.18 -28.03 -21.46
N ALA A 210 -26.16 -27.41 -22.66
CA ALA A 210 -24.93 -27.04 -23.35
C ALA A 210 -24.62 -25.53 -23.25
N SER A 211 -25.29 -24.80 -22.33
CA SER A 211 -25.05 -23.36 -22.12
C SER A 211 -23.67 -23.11 -21.52
N PHE A 212 -23.35 -23.76 -20.36
CA PHE A 212 -22.05 -23.53 -19.71
C PHE A 212 -21.31 -24.85 -19.37
N PRO A 213 -20.88 -25.61 -20.38
CA PRO A 213 -20.14 -26.87 -20.10
C PRO A 213 -18.65 -26.64 -19.86
N SER A 214 -18.05 -27.45 -18.95
CA SER A 214 -16.62 -27.41 -18.63
C SER A 214 -16.09 -28.76 -18.17
N TYR A 215 -14.83 -29.06 -18.43
CA TYR A 215 -14.24 -30.34 -18.01
C TYR A 215 -12.78 -30.14 -17.61
N PRO A 216 -12.31 -30.84 -16.55
CA PRO A 216 -10.90 -30.70 -16.16
C PRO A 216 -10.02 -31.72 -16.87
N GLU A 217 -8.71 -31.55 -16.79
CA GLU A 217 -7.75 -32.51 -17.32
C GLU A 217 -6.55 -32.67 -16.38
N ILE A 218 -5.98 -33.90 -16.33
CA ILE A 218 -4.78 -34.26 -15.57
C ILE A 218 -3.77 -34.65 -16.65
N LEU A 219 -2.76 -33.83 -16.85
CA LEU A 219 -1.77 -34.06 -17.90
C LEU A 219 -0.60 -34.92 -17.46
N GLN A 220 -0.09 -35.72 -18.39
CA GLN A 220 1.04 -36.62 -18.16
C GLN A 220 2.21 -36.07 -18.97
N GLY A 221 2.97 -35.18 -18.32
CA GLY A 221 4.12 -34.51 -18.90
C GLY A 221 3.76 -33.65 -20.09
N GLY A 222 4.59 -33.74 -21.14
CA GLY A 222 4.39 -32.98 -22.37
C GLY A 222 5.55 -33.07 -23.35
N GLY A 223 5.29 -32.68 -24.60
CA GLY A 223 6.27 -32.69 -25.66
C GLY A 223 6.01 -31.62 -26.71
N ILE B 1 18.84 8.67 -37.80
CA ILE B 1 20.13 8.39 -37.14
C ILE B 1 20.04 8.27 -35.60
N LEU B 2 18.97 8.85 -34.99
CA LEU B 2 18.72 8.85 -33.54
C LEU B 2 17.74 7.71 -33.17
N PRO B 3 17.89 7.00 -32.02
CA PRO B 3 16.90 5.96 -31.68
C PRO B 3 15.50 6.52 -31.55
N ASP B 4 14.49 5.73 -31.89
CA ASP B 4 13.10 6.17 -31.80
C ASP B 4 12.66 6.35 -30.35
N SER B 5 13.25 5.53 -29.46
CA SER B 5 12.96 5.53 -28.03
C SER B 5 14.25 5.41 -27.23
N VAL B 6 14.29 6.05 -26.03
CA VAL B 6 15.41 6.06 -25.08
C VAL B 6 14.82 5.94 -23.70
N ASP B 7 15.46 5.15 -22.83
CA ASP B 7 15.15 4.97 -21.41
C ASP B 7 16.48 4.73 -20.67
N TRP B 8 16.97 5.77 -19.99
CA TRP B 8 18.24 5.71 -19.25
C TRP B 8 18.20 4.80 -18.02
N ARG B 9 17.01 4.41 -17.55
CA ARG B 9 16.81 3.47 -16.42
C ARG B 9 17.32 2.09 -16.84
N GLU B 10 17.18 1.76 -18.13
CA GLU B 10 17.63 0.50 -18.74
C GLU B 10 19.15 0.35 -18.72
N LYS B 11 19.87 1.48 -18.64
CA LYS B 11 21.33 1.47 -18.63
C LYS B 11 21.88 1.69 -17.22
N GLY B 12 20.98 1.63 -16.23
CA GLY B 12 21.30 1.79 -14.82
C GLY B 12 21.81 3.16 -14.46
N CYS B 13 21.38 4.19 -15.20
CA CYS B 13 21.82 5.58 -15.04
C CYS B 13 20.89 6.42 -14.17
N VAL B 14 19.81 5.80 -13.65
CA VAL B 14 18.78 6.52 -12.89
C VAL B 14 18.62 5.94 -11.48
N THR B 15 18.78 6.78 -10.44
CA THR B 15 18.63 6.33 -9.06
C THR B 15 17.15 6.28 -8.72
N GLU B 16 16.83 5.75 -7.52
CA GLU B 16 15.45 5.64 -7.01
C GLU B 16 14.83 7.03 -6.94
N VAL B 17 13.51 7.10 -7.20
CA VAL B 17 12.72 8.34 -7.17
C VAL B 17 12.77 8.87 -5.74
N LYS B 18 12.99 10.19 -5.59
CA LYS B 18 13.07 10.87 -4.30
C LYS B 18 11.76 11.59 -3.93
N TYR B 19 11.57 11.87 -2.64
CA TYR B 19 10.39 12.54 -2.12
C TYR B 19 10.83 13.86 -1.50
N GLN B 20 10.59 14.98 -2.23
CA GLN B 20 11.01 16.31 -1.78
C GLN B 20 10.24 16.81 -0.56
N GLY B 21 9.00 16.35 -0.40
CA GLY B 21 8.16 16.76 0.73
C GLY B 21 7.86 18.25 0.73
N SER B 22 7.74 18.84 1.92
CA SER B 22 7.42 20.27 2.10
C SER B 22 8.65 21.19 1.97
N CYS B 23 9.40 21.02 0.88
CA CYS B 23 10.58 21.80 0.58
C CYS B 23 10.64 21.96 -0.92
N GLY B 24 10.56 23.21 -1.35
CA GLY B 24 10.56 23.57 -2.76
C GLY B 24 11.95 23.52 -3.37
N ALA B 25 12.56 22.33 -3.33
CA ALA B 25 13.90 22.10 -3.85
C ALA B 25 13.92 21.18 -5.06
N SER B 26 12.89 21.25 -5.93
CA SER B 26 12.86 20.43 -7.16
C SER B 26 14.11 20.69 -8.02
N TRP B 27 14.63 21.93 -8.01
CA TRP B 27 15.83 22.35 -8.74
C TRP B 27 17.07 21.52 -8.33
N ALA B 28 17.21 21.24 -7.02
CA ALA B 28 18.32 20.47 -6.45
C ALA B 28 18.18 19.00 -6.85
N PHE B 29 16.94 18.47 -6.84
CA PHE B 29 16.69 17.09 -7.26
C PHE B 29 16.93 16.90 -8.75
N SER B 30 16.49 17.89 -9.56
CA SER B 30 16.69 17.85 -11.02
C SER B 30 18.18 17.89 -11.36
N ALA B 31 18.95 18.75 -10.68
CA ALA B 31 20.40 18.87 -10.88
C ALA B 31 21.15 17.62 -10.47
N VAL B 32 20.85 17.03 -9.28
CA VAL B 32 21.56 15.80 -8.84
C VAL B 32 21.26 14.61 -9.76
N GLY B 33 20.02 14.49 -10.22
CA GLY B 33 19.60 13.42 -11.11
C GLY B 33 20.39 13.36 -12.39
N ALA B 34 20.59 14.54 -13.00
CA ALA B 34 21.36 14.69 -14.23
C ALA B 34 22.82 14.32 -14.00
N LEU B 35 23.43 14.74 -12.88
CA LEU B 35 24.83 14.43 -12.55
C LEU B 35 25.04 12.96 -12.15
N GLU B 36 24.05 12.34 -11.48
CA GLU B 36 24.05 10.92 -11.12
C GLU B 36 24.24 10.04 -12.34
N ALA B 37 23.55 10.39 -13.45
CA ALA B 37 23.62 9.68 -14.73
C ALA B 37 25.02 9.78 -15.32
N GLN B 38 25.61 10.99 -15.27
CA GLN B 38 26.96 11.25 -15.76
C GLN B 38 28.00 10.50 -14.94
N LEU B 39 27.83 10.44 -13.62
CA LEU B 39 28.74 9.72 -12.72
C LEU B 39 28.76 8.23 -13.08
N LYS B 40 27.58 7.66 -13.39
CA LYS B 40 27.46 6.25 -13.78
C LYS B 40 28.10 6.03 -15.13
N LEU B 41 27.78 6.88 -16.11
CA LEU B 41 28.35 6.80 -17.47
C LEU B 41 29.90 6.80 -17.44
N LYS B 42 30.50 7.65 -16.59
CA LYS B 42 31.95 7.84 -16.50
C LYS B 42 32.72 6.87 -15.61
N THR B 43 32.09 6.33 -14.55
CA THR B 43 32.76 5.43 -13.60
C THR B 43 32.19 4.01 -13.56
N GLY B 44 30.93 3.86 -13.93
CA GLY B 44 30.25 2.58 -13.89
C GLY B 44 29.48 2.38 -12.60
N LYS B 45 29.50 3.38 -11.70
CA LYS B 45 28.79 3.28 -10.42
C LYS B 45 27.68 4.30 -10.27
N LEU B 46 26.50 3.81 -9.87
CA LEU B 46 25.29 4.59 -9.61
C LEU B 46 25.22 4.90 -8.11
N VAL B 47 25.28 6.20 -7.77
CA VAL B 47 25.19 6.64 -6.38
C VAL B 47 24.35 7.94 -6.35
N SER B 48 23.37 7.99 -5.43
CA SER B 48 22.50 9.15 -5.24
C SER B 48 23.34 10.30 -4.69
N LEU B 49 23.18 11.48 -5.30
CA LEU B 49 23.92 12.66 -4.87
C LEU B 49 23.06 13.54 -3.97
N SER B 50 23.72 14.29 -3.08
CA SER B 50 23.05 15.08 -2.06
C SER B 50 22.33 16.33 -2.57
N ALA B 51 20.99 16.26 -2.63
CA ALA B 51 20.16 17.41 -2.97
C ALA B 51 20.25 18.43 -1.81
N GLN B 52 20.43 17.94 -0.56
CA GLN B 52 20.56 18.74 0.66
C GLN B 52 21.80 19.62 0.58
N ASN B 53 22.93 19.07 0.03
CA ASN B 53 24.19 19.78 -0.19
C ASN B 53 23.93 21.02 -1.05
N LEU B 54 23.08 20.90 -2.08
CA LEU B 54 22.73 22.03 -2.96
C LEU B 54 21.84 23.06 -2.25
N VAL B 55 20.79 22.60 -1.56
CA VAL B 55 19.84 23.43 -0.78
C VAL B 55 20.60 24.34 0.18
N ASP B 56 21.47 23.73 0.98
CA ASP B 56 22.27 24.36 2.02
C ASP B 56 23.47 25.18 1.57
N CYS B 57 24.12 24.79 0.46
CA CYS B 57 25.37 25.39 0.01
C CYS B 57 25.30 26.17 -1.29
N SER B 58 24.44 25.78 -2.26
CA SER B 58 24.31 26.55 -3.51
C SER B 58 23.23 27.59 -3.26
N THR B 59 23.58 28.65 -2.52
CA THR B 59 22.62 29.63 -2.02
C THR B 59 22.67 30.99 -2.76
N GLU B 60 22.66 32.12 -2.03
CA GLU B 60 22.64 33.51 -2.55
C GLU B 60 23.58 33.78 -3.71
N LYS B 61 24.85 33.36 -3.60
CA LYS B 61 25.88 33.54 -4.64
C LYS B 61 25.49 32.86 -5.95
N TYR B 62 24.55 31.89 -5.89
CA TYR B 62 24.08 31.14 -7.04
C TYR B 62 22.66 31.50 -7.43
N GLY B 63 22.11 32.57 -6.83
CA GLY B 63 20.75 33.02 -7.05
C GLY B 63 19.68 32.02 -6.64
N ASN B 64 20.03 31.12 -5.69
CA ASN B 64 19.14 30.05 -5.20
C ASN B 64 18.66 30.34 -3.79
N LYS B 65 17.49 29.78 -3.44
CA LYS B 65 16.83 30.02 -2.15
C LYS B 65 16.40 28.75 -1.39
N GLY B 66 17.18 27.68 -1.54
CA GLY B 66 16.94 26.39 -0.89
C GLY B 66 15.54 25.85 -1.11
N CYS B 67 14.76 25.75 -0.02
CA CYS B 67 13.38 25.28 -0.03
C CYS B 67 12.39 26.26 -0.70
N ASN B 68 12.86 27.46 -1.08
CA ASN B 68 12.08 28.47 -1.79
C ASN B 68 12.52 28.64 -3.26
N GLY B 69 13.02 27.57 -3.86
CA GLY B 69 13.40 27.58 -5.26
C GLY B 69 14.85 27.81 -5.57
N GLY B 70 15.17 27.64 -6.84
CA GLY B 70 16.53 27.77 -7.37
C GLY B 70 16.60 27.31 -8.81
N PHE B 71 17.83 27.15 -9.32
CA PHE B 71 18.09 26.78 -10.72
C PHE B 71 19.11 25.67 -10.81
N MET B 72 18.90 24.79 -11.81
CA MET B 72 19.81 23.67 -12.07
C MET B 72 21.15 24.13 -12.61
N THR B 73 21.16 25.17 -13.47
CA THR B 73 22.41 25.72 -14.04
C THR B 73 23.39 26.20 -12.95
N THR B 74 22.90 27.01 -12.01
CA THR B 74 23.72 27.57 -10.92
C THR B 74 24.05 26.50 -9.87
N ALA B 75 23.22 25.43 -9.78
CA ALA B 75 23.47 24.28 -8.93
C ALA B 75 24.70 23.54 -9.49
N PHE B 76 24.79 23.40 -10.84
CA PHE B 76 25.94 22.82 -11.53
C PHE B 76 27.18 23.69 -11.34
N GLN B 77 27.02 25.02 -11.44
CA GLN B 77 28.11 25.99 -11.21
C GLN B 77 28.71 25.85 -9.80
N TYR B 78 27.84 25.71 -8.76
CA TYR B 78 28.30 25.50 -7.39
C TYR B 78 29.16 24.24 -7.31
N ILE B 79 28.74 23.15 -7.99
CA ILE B 79 29.47 21.86 -8.00
C ILE B 79 30.82 22.04 -8.68
N ILE B 80 30.85 22.88 -9.74
CA ILE B 80 32.09 23.21 -10.45
C ILE B 80 33.05 23.96 -9.49
N ASP B 81 32.55 25.06 -8.88
CA ASP B 81 33.30 25.94 -7.96
C ASP B 81 33.80 25.22 -6.71
N ASN B 82 32.91 24.39 -6.12
CA ASN B 82 33.14 23.61 -4.92
C ASN B 82 34.10 22.44 -5.08
N LYS B 83 34.35 22.03 -6.34
CA LYS B 83 35.20 20.89 -6.70
C LYS B 83 34.59 19.55 -6.21
N GLY B 84 33.26 19.49 -6.23
CA GLY B 84 32.55 18.28 -5.83
C GLY B 84 31.20 18.43 -5.14
N ILE B 85 30.53 17.29 -4.98
CA ILE B 85 29.24 17.16 -4.28
C ILE B 85 29.29 15.91 -3.42
N ASP B 86 28.72 15.98 -2.22
CA ASP B 86 28.67 14.82 -1.34
C ASP B 86 27.62 13.83 -1.81
N SER B 87 27.76 12.57 -1.40
CA SER B 87 26.76 11.55 -1.72
C SER B 87 25.52 11.85 -0.85
N ASP B 88 24.35 11.34 -1.25
CA ASP B 88 23.11 11.50 -0.49
C ASP B 88 23.20 10.79 0.86
N ALA B 89 23.89 9.63 0.91
CA ALA B 89 24.07 8.85 2.12
C ALA B 89 24.83 9.62 3.22
N SER B 90 25.86 10.38 2.82
CA SER B 90 26.73 11.16 3.72
C SER B 90 26.13 12.49 4.16
N TYR B 91 25.31 13.09 3.30
CA TYR B 91 24.68 14.39 3.54
C TYR B 91 23.16 14.17 3.22
N PRO B 92 22.38 13.50 4.12
CA PRO B 92 20.98 13.18 3.79
C PRO B 92 20.01 14.36 3.70
N TYR B 93 18.92 14.15 2.95
CA TYR B 93 17.88 15.13 2.71
C TYR B 93 16.90 15.21 3.88
N LYS B 94 16.69 16.43 4.39
CA LYS B 94 15.84 16.70 5.56
C LYS B 94 14.61 17.58 5.22
N ALA B 95 14.42 17.93 3.93
CA ALA B 95 13.31 18.78 3.47
C ALA B 95 13.19 20.10 4.25
N MET B 96 14.36 20.72 4.53
CA MET B 96 14.48 22.02 5.20
C MET B 96 15.82 22.68 4.95
N ASP B 97 15.87 24.01 5.12
CA ASP B 97 17.09 24.81 4.94
C ASP B 97 17.97 24.63 6.14
N GLN B 98 19.26 24.32 5.88
CA GLN B 98 20.23 24.13 6.95
C GLN B 98 21.48 24.93 6.64
N LYS B 99 22.42 24.96 7.59
CA LYS B 99 23.72 25.60 7.43
C LYS B 99 24.51 24.70 6.47
N CYS B 100 25.38 25.29 5.64
CA CYS B 100 26.20 24.47 4.74
C CYS B 100 27.12 23.55 5.56
N GLN B 101 26.98 22.24 5.32
CA GLN B 101 27.74 21.22 6.02
C GLN B 101 28.54 20.35 5.03
N TYR B 102 28.92 20.91 3.85
CA TYR B 102 29.70 20.17 2.87
C TYR B 102 30.98 19.64 3.50
N ASP B 103 31.30 18.38 3.18
CA ASP B 103 32.50 17.70 3.66
C ASP B 103 33.14 16.99 2.47
N SER B 104 34.27 17.53 1.99
CA SER B 104 35.06 16.98 0.87
C SER B 104 35.49 15.53 1.07
N LYS B 105 35.50 15.05 2.35
CA LYS B 105 35.84 13.67 2.72
C LYS B 105 34.80 12.68 2.14
N TYR B 106 33.56 13.14 1.91
CA TYR B 106 32.49 12.29 1.41
C TYR B 106 32.01 12.67 0.01
N ARG B 107 32.83 13.44 -0.71
CA ARG B 107 32.56 13.91 -2.07
C ARG B 107 32.47 12.68 -3.01
N ALA B 108 31.33 12.52 -3.69
CA ALA B 108 31.03 11.38 -4.56
C ALA B 108 31.10 11.71 -6.07
N ALA B 109 30.93 12.98 -6.42
CA ALA B 109 30.98 13.43 -7.81
C ALA B 109 31.55 14.84 -7.88
N THR B 110 31.88 15.27 -9.10
CA THR B 110 32.36 16.59 -9.49
C THR B 110 31.61 16.98 -10.78
N CYS B 111 31.89 18.18 -11.28
CA CYS B 111 31.30 18.69 -12.50
C CYS B 111 32.34 19.53 -13.21
N SER B 112 32.58 19.22 -14.50
CA SER B 112 33.55 19.96 -15.29
C SER B 112 32.90 21.20 -15.91
N LYS B 113 31.67 21.01 -16.45
CA LYS B 113 30.91 22.02 -17.16
C LYS B 113 29.43 21.66 -17.25
N TYR B 114 28.62 22.62 -17.73
CA TYR B 114 27.19 22.40 -17.99
C TYR B 114 26.80 23.09 -19.29
N THR B 115 25.82 22.55 -19.97
CA THR B 115 25.36 23.08 -21.25
C THR B 115 23.87 23.35 -21.20
N GLU B 116 23.47 24.55 -21.65
CA GLU B 116 22.07 24.94 -21.75
C GLU B 116 21.65 24.76 -23.19
N LEU B 117 20.45 24.21 -23.40
CA LEU B 117 19.91 23.98 -24.74
C LEU B 117 19.00 25.11 -25.25
N PRO B 118 18.89 25.34 -26.59
CA PRO B 118 18.01 26.42 -27.08
C PRO B 118 16.55 26.25 -26.68
N TYR B 119 15.89 27.38 -26.38
CA TYR B 119 14.49 27.42 -25.96
C TYR B 119 13.53 26.80 -26.99
N GLY B 120 12.68 25.89 -26.50
CA GLY B 120 11.59 25.25 -27.24
C GLY B 120 11.96 24.24 -28.30
N ARG B 121 13.26 23.93 -28.44
CA ARG B 121 13.76 22.99 -29.46
C ARG B 121 13.72 21.54 -28.98
N GLU B 122 12.62 20.86 -29.30
CA GLU B 122 12.40 19.46 -28.91
C GLU B 122 13.30 18.48 -29.66
N ASP B 123 13.75 18.86 -30.87
CA ASP B 123 14.68 18.09 -31.69
C ASP B 123 16.08 18.08 -31.04
N VAL B 124 16.54 19.26 -30.58
CA VAL B 124 17.82 19.45 -29.91
C VAL B 124 17.78 18.74 -28.54
N LEU B 125 16.62 18.79 -27.86
CA LEU B 125 16.45 18.10 -26.58
C LEU B 125 16.54 16.57 -26.76
N LYS B 126 15.89 16.03 -27.80
CA LYS B 126 15.92 14.61 -28.15
C LYS B 126 17.36 14.14 -28.42
N GLU B 127 18.12 14.94 -29.21
CA GLU B 127 19.51 14.62 -29.52
C GLU B 127 20.37 14.55 -28.26
N ALA B 128 20.18 15.51 -27.34
CA ALA B 128 20.93 15.57 -26.08
C ALA B 128 20.57 14.40 -25.16
N VAL B 129 19.28 14.01 -25.09
CA VAL B 129 18.85 12.88 -24.26
C VAL B 129 19.48 11.59 -24.83
N ALA B 130 19.46 11.42 -26.16
CA ALA B 130 20.02 10.26 -26.82
C ALA B 130 21.55 10.12 -26.66
N ASN B 131 22.31 11.22 -26.92
CA ASN B 131 23.77 11.23 -26.99
C ASN B 131 24.52 11.66 -25.75
N LYS B 132 23.86 12.40 -24.85
CA LYS B 132 24.54 12.89 -23.66
C LYS B 132 24.02 12.19 -22.40
N GLY B 133 22.71 12.10 -22.28
CA GLY B 133 22.08 11.44 -21.15
C GLY B 133 20.92 12.24 -20.62
N PRO B 134 20.42 11.91 -19.41
CA PRO B 134 19.31 12.67 -18.82
C PRO B 134 19.56 14.18 -18.76
N VAL B 135 18.53 14.96 -19.12
CA VAL B 135 18.60 16.42 -19.19
C VAL B 135 17.69 17.08 -18.16
N SER B 136 18.25 18.03 -17.35
CA SER B 136 17.49 18.79 -16.36
C SER B 136 16.59 19.79 -17.10
N VAL B 137 15.30 19.83 -16.76
CA VAL B 137 14.37 20.74 -17.44
C VAL B 137 13.39 21.31 -16.42
N GLY B 138 12.76 22.42 -16.81
CA GLY B 138 11.67 23.01 -16.08
C GLY B 138 10.39 22.61 -16.81
N VAL B 139 9.27 22.51 -16.07
CA VAL B 139 7.95 22.26 -16.67
C VAL B 139 6.90 23.12 -15.99
N ASP B 140 5.80 23.41 -16.72
CA ASP B 140 4.65 24.06 -16.15
C ASP B 140 3.86 22.90 -15.52
N ALA B 141 3.97 22.76 -14.19
CA ALA B 141 3.35 21.70 -13.41
C ALA B 141 2.25 22.21 -12.46
N ARG B 142 1.78 23.45 -12.66
CA ARG B 142 0.78 24.12 -11.81
C ARG B 142 -0.65 23.65 -11.98
N HIS B 143 -0.96 23.07 -13.13
CA HIS B 143 -2.31 22.65 -13.47
C HIS B 143 -2.80 21.45 -12.65
N PRO B 144 -4.08 21.49 -12.19
CA PRO B 144 -4.64 20.36 -11.42
C PRO B 144 -4.36 18.96 -11.99
N SER B 145 -4.38 18.84 -13.33
CA SER B 145 -4.11 17.60 -14.07
C SER B 145 -2.72 17.02 -13.81
N PHE B 146 -1.70 17.88 -13.55
CA PHE B 146 -0.35 17.38 -13.24
C PHE B 146 -0.40 16.71 -11.87
N PHE B 147 -1.03 17.38 -10.90
CA PHE B 147 -1.16 16.91 -9.53
C PHE B 147 -1.94 15.59 -9.42
N LEU B 148 -2.88 15.37 -10.35
CA LEU B 148 -3.75 14.20 -10.42
C LEU B 148 -3.27 13.13 -11.42
N TYR B 149 -2.12 13.38 -12.07
CA TYR B 149 -1.52 12.45 -13.03
C TYR B 149 -1.25 11.07 -12.41
N ARG B 150 -1.75 10.03 -13.10
CA ARG B 150 -1.58 8.65 -12.75
C ARG B 150 -0.82 7.88 -13.82
N SER B 151 -1.29 7.93 -15.06
CA SER B 151 -0.75 7.06 -16.10
C SER B 151 -0.90 7.60 -17.54
N GLY B 152 -0.08 7.06 -18.46
CA GLY B 152 -0.13 7.38 -19.87
C GLY B 152 0.54 8.69 -20.25
N VAL B 153 0.21 9.18 -21.46
CA VAL B 153 0.79 10.42 -21.99
C VAL B 153 0.00 11.63 -21.52
N TYR B 154 0.67 12.46 -20.70
CA TYR B 154 0.14 13.70 -20.13
C TYR B 154 0.04 14.81 -21.17
N TYR B 155 -1.19 15.28 -21.39
CA TYR B 155 -1.45 16.41 -22.26
C TYR B 155 -2.44 17.32 -21.56
N GLU B 156 -2.04 18.58 -21.34
CA GLU B 156 -2.85 19.59 -20.68
C GLU B 156 -3.05 20.79 -21.61
N PRO B 157 -4.27 20.96 -22.24
CA PRO B 157 -4.48 22.12 -23.16
C PRO B 157 -4.20 23.51 -22.56
N SER B 158 -4.34 23.66 -21.23
CA SER B 158 -4.09 24.92 -20.52
C SER B 158 -2.62 25.12 -20.13
N CYS B 159 -1.74 24.16 -20.48
CA CYS B 159 -0.30 24.27 -20.19
C CYS B 159 0.31 25.44 -20.96
N THR B 160 1.37 26.05 -20.38
CA THR B 160 2.09 27.17 -20.99
C THR B 160 3.57 26.76 -21.06
N GLN B 161 4.38 27.57 -21.75
CA GLN B 161 5.81 27.32 -21.89
C GLN B 161 6.60 27.95 -20.73
N ASN B 162 5.89 28.58 -19.78
CA ASN B 162 6.45 29.20 -18.58
C ASN B 162 6.54 28.14 -17.50
N VAL B 163 7.78 27.74 -17.22
CA VAL B 163 8.11 26.66 -16.28
C VAL B 163 8.03 27.13 -14.83
N ASN B 164 7.77 26.17 -13.91
CA ASN B 164 7.60 26.45 -12.49
C ASN B 164 8.00 25.28 -11.59
N HIS B 165 8.58 24.23 -12.16
CA HIS B 165 8.96 23.03 -11.41
C HIS B 165 10.06 22.29 -12.18
N GLY B 166 11.16 22.01 -11.47
CA GLY B 166 12.33 21.32 -12.01
C GLY B 166 12.18 19.82 -11.96
N VAL B 167 12.42 19.16 -13.11
CA VAL B 167 12.31 17.71 -13.29
C VAL B 167 13.49 17.20 -14.12
N LEU B 168 13.56 15.88 -14.37
CA LEU B 168 14.64 15.25 -15.13
C LEU B 168 14.10 14.46 -16.30
N VAL B 169 14.53 14.75 -17.52
CA VAL B 169 14.11 13.95 -18.68
C VAL B 169 15.11 12.77 -18.77
N VAL B 170 14.64 11.54 -18.52
CA VAL B 170 15.47 10.33 -18.53
C VAL B 170 15.27 9.48 -19.80
N GLY B 171 14.43 9.97 -20.69
CA GLY B 171 14.16 9.28 -21.94
C GLY B 171 13.04 9.90 -22.74
N TYR B 172 12.61 9.16 -23.79
CA TYR B 172 11.54 9.53 -24.71
C TYR B 172 11.08 8.29 -25.46
N GLY B 173 9.84 8.33 -25.92
CA GLY B 173 9.26 7.24 -26.70
C GLY B 173 7.91 7.62 -27.27
N ASP B 174 7.04 6.61 -27.44
CA ASP B 174 5.66 6.79 -27.89
C ASP B 174 4.78 5.68 -27.34
N LEU B 175 3.54 6.03 -26.99
CA LEU B 175 2.55 5.08 -26.47
C LEU B 175 1.55 4.96 -27.60
N ASN B 176 1.76 3.91 -28.43
CA ASN B 176 0.95 3.59 -29.62
C ASN B 176 0.83 4.81 -30.56
N GLY B 177 1.96 5.48 -30.80
CA GLY B 177 1.97 6.67 -31.65
C GLY B 177 1.94 7.99 -30.92
N LYS B 178 1.45 8.03 -29.67
CA LYS B 178 1.45 9.27 -28.88
C LYS B 178 2.85 9.46 -28.28
N GLU B 179 3.64 10.37 -28.90
CA GLU B 179 5.01 10.67 -28.49
C GLU B 179 5.06 11.30 -27.13
N TYR B 180 6.09 10.91 -26.34
CA TYR B 180 6.26 11.45 -25.00
C TYR B 180 7.73 11.63 -24.61
N TRP B 181 7.95 12.37 -23.51
CA TRP B 181 9.21 12.58 -22.82
C TRP B 181 9.03 11.82 -21.51
N LEU B 182 9.99 10.94 -21.19
CA LEU B 182 9.97 10.17 -19.94
C LEU B 182 10.60 11.06 -18.88
N VAL B 183 9.79 11.47 -17.91
CA VAL B 183 10.18 12.44 -16.90
C VAL B 183 10.26 11.85 -15.51
N LYS B 184 11.37 12.10 -14.81
CA LYS B 184 11.54 11.69 -13.42
C LYS B 184 11.15 12.88 -12.56
N ASN B 185 10.16 12.70 -11.68
CA ASN B 185 9.72 13.76 -10.76
C ASN B 185 10.35 13.47 -9.38
N SER B 186 10.13 14.36 -8.42
CA SER B 186 10.65 14.22 -7.07
C SER B 186 9.53 14.26 -6.01
N TRP B 187 8.40 13.59 -6.32
CA TRP B 187 7.22 13.51 -5.46
C TRP B 187 7.01 12.07 -4.97
N GLY B 188 8.10 11.30 -4.89
CA GLY B 188 8.06 9.91 -4.44
C GLY B 188 7.47 8.98 -5.47
N HIS B 189 7.53 7.67 -5.22
CA HIS B 189 7.07 6.65 -6.17
C HIS B 189 5.54 6.57 -6.31
N ASN B 190 4.77 7.15 -5.37
CA ASN B 190 3.30 7.11 -5.46
C ASN B 190 2.74 8.10 -6.48
N PHE B 191 3.56 9.05 -6.99
CA PHE B 191 3.13 9.98 -8.04
C PHE B 191 3.27 9.28 -9.38
N GLY B 192 2.23 9.37 -10.20
CA GLY B 192 2.22 8.84 -11.55
C GLY B 192 2.66 7.41 -11.75
N GLU B 193 3.53 7.17 -12.74
CA GLU B 193 4.00 5.83 -13.06
C GLU B 193 5.29 5.49 -12.29
N GLU B 194 5.16 5.08 -11.01
CA GLU B 194 6.27 4.76 -10.08
C GLU B 194 7.21 5.96 -9.92
N GLY B 195 6.64 7.17 -9.86
CA GLY B 195 7.38 8.43 -9.69
C GLY B 195 7.71 9.16 -10.97
N TYR B 196 7.29 8.60 -12.10
CA TYR B 196 7.54 9.12 -13.45
C TYR B 196 6.29 9.67 -14.10
N ILE B 197 6.48 10.61 -15.01
CA ILE B 197 5.41 11.21 -15.80
C ILE B 197 5.84 11.21 -17.25
N ARG B 198 5.01 10.66 -18.13
CA ARG B 198 5.24 10.67 -19.56
C ARG B 198 4.45 11.89 -20.10
N MET B 199 5.18 12.90 -20.58
CA MET B 199 4.62 14.16 -21.03
C MET B 199 4.67 14.30 -22.54
N ALA B 200 3.60 14.84 -23.15
CA ALA B 200 3.49 15.03 -24.61
C ALA B 200 4.74 15.64 -25.26
N ARG B 201 5.28 14.95 -26.26
CA ARG B 201 6.48 15.34 -27.01
C ARG B 201 6.04 15.73 -28.42
N ASN B 202 6.76 16.70 -29.02
CA ASN B 202 6.52 17.24 -30.36
C ASN B 202 5.12 17.85 -30.50
N LYS B 203 4.64 18.44 -29.40
CA LYS B 203 3.35 19.13 -29.32
C LYS B 203 3.60 20.62 -29.00
N GLY B 204 4.49 21.25 -29.76
CA GLY B 204 4.84 22.66 -29.67
C GLY B 204 5.33 23.12 -28.31
N ASN B 205 6.33 22.41 -27.75
CA ASN B 205 6.95 22.68 -26.44
C ASN B 205 5.90 22.63 -25.33
N HIS B 206 5.15 21.52 -25.28
CA HIS B 206 4.09 21.29 -24.32
C HIS B 206 4.59 21.38 -22.87
N CYS B 207 3.97 22.27 -22.08
CA CYS B 207 4.31 22.58 -20.69
C CYS B 207 5.73 23.18 -20.53
N GLY B 208 6.32 23.65 -21.63
CA GLY B 208 7.65 24.26 -21.63
C GLY B 208 8.76 23.29 -21.28
N ILE B 209 8.61 22.03 -21.67
CA ILE B 209 9.58 20.97 -21.38
C ILE B 209 10.97 21.30 -21.98
N ALA B 210 11.00 21.92 -23.17
CA ALA B 210 12.22 22.29 -23.88
C ALA B 210 12.56 23.78 -23.75
N SER B 211 11.91 24.53 -22.82
CA SER B 211 12.13 25.97 -22.59
C SER B 211 13.47 26.26 -22.00
N PHE B 212 13.83 25.56 -20.91
CA PHE B 212 15.09 25.78 -20.23
C PHE B 212 15.82 24.46 -19.87
N PRO B 213 16.28 23.70 -20.89
CA PRO B 213 17.01 22.44 -20.61
C PRO B 213 18.50 22.67 -20.35
N SER B 214 19.10 21.86 -19.45
CA SER B 214 20.52 21.91 -19.12
C SER B 214 21.05 20.55 -18.66
N TYR B 215 22.31 20.25 -18.94
CA TYR B 215 22.90 18.97 -18.51
C TYR B 215 24.36 19.17 -18.11
N PRO B 216 24.83 18.48 -17.05
CA PRO B 216 26.24 18.62 -16.66
C PRO B 216 27.12 17.59 -17.37
N GLU B 217 28.43 17.75 -17.28
CA GLU B 217 29.38 16.80 -17.83
C GLU B 217 30.59 16.65 -16.91
N ILE B 218 31.16 15.42 -16.87
CA ILE B 218 32.38 15.05 -16.11
C ILE B 218 33.37 14.67 -17.19
N LEU B 219 34.39 15.51 -17.40
CA LEU B 219 35.36 15.27 -18.47
C LEU B 219 36.54 14.41 -18.05
N GLN B 220 37.02 13.58 -18.98
CA GLN B 220 38.15 12.69 -18.75
C GLN B 220 39.32 13.23 -19.57
N GLY B 221 40.08 14.14 -18.94
CA GLY B 221 41.22 14.82 -19.53
C GLY B 221 40.85 15.64 -20.75
N GLY B 222 41.66 15.52 -21.81
CA GLY B 222 41.47 16.24 -23.07
C GLY B 222 42.69 16.31 -23.94
N GLY B 223 42.47 16.70 -25.21
CA GLY B 223 43.52 16.86 -26.21
C GLY B 223 43.26 17.98 -27.19
N ILE C 1 38.50 -18.25 32.93
CA ILE C 1 37.75 -17.11 33.45
C ILE C 1 36.83 -16.52 32.39
N LEU C 2 35.57 -16.23 32.77
CA LEU C 2 34.59 -15.61 31.86
C LEU C 2 34.83 -14.10 31.84
N PRO C 3 34.65 -13.40 30.68
CA PRO C 3 34.84 -11.94 30.67
C PRO C 3 33.80 -11.30 31.59
N ASP C 4 34.22 -10.27 32.35
CA ASP C 4 33.37 -9.58 33.32
C ASP C 4 32.15 -8.87 32.69
N SER C 5 32.28 -8.43 31.41
CA SER C 5 31.27 -7.77 30.59
C SER C 5 31.39 -8.28 29.15
N VAL C 6 30.24 -8.35 28.42
CA VAL C 6 30.15 -8.82 27.03
C VAL C 6 29.17 -7.92 26.32
N ASP C 7 29.47 -7.55 25.05
CA ASP C 7 28.57 -6.80 24.16
C ASP C 7 28.85 -7.31 22.74
N TRP C 8 27.95 -8.17 22.22
CA TRP C 8 28.09 -8.79 20.90
C TRP C 8 27.95 -7.80 19.74
N ARG C 9 27.41 -6.58 19.99
CA ARG C 9 27.29 -5.50 18.99
C ARG C 9 28.70 -5.02 18.60
N GLU C 10 29.64 -5.07 19.57
CA GLU C 10 31.03 -4.69 19.36
C GLU C 10 31.79 -5.63 18.45
N LYS C 11 31.28 -6.87 18.29
CA LYS C 11 31.92 -7.86 17.43
C LYS C 11 31.17 -8.00 16.11
N GLY C 12 30.26 -7.07 15.85
CA GLY C 12 29.46 -7.00 14.64
C GLY C 12 28.50 -8.17 14.46
N CYS C 13 28.07 -8.79 15.57
CA CYS C 13 27.21 -9.98 15.56
C CYS C 13 25.73 -9.66 15.71
N VAL C 14 25.37 -8.37 15.79
CA VAL C 14 23.98 -7.93 16.03
C VAL C 14 23.49 -7.02 14.92
N THR C 15 22.36 -7.39 14.27
CA THR C 15 21.81 -6.56 13.20
C THR C 15 21.02 -5.39 13.81
N GLU C 16 20.52 -4.48 12.95
CA GLU C 16 19.70 -3.35 13.36
C GLU C 16 18.44 -3.82 14.08
N VAL C 17 17.99 -3.04 15.07
CA VAL C 17 16.78 -3.30 15.86
C VAL C 17 15.58 -3.29 14.90
N LYS C 18 14.70 -4.29 15.03
CA LYS C 18 13.49 -4.45 14.21
C LYS C 18 12.24 -3.95 14.93
N TYR C 19 11.21 -3.63 14.14
CA TYR C 19 9.94 -3.15 14.67
C TYR C 19 8.87 -4.18 14.30
N GLN C 20 8.44 -4.99 15.29
CA GLN C 20 7.44 -6.04 15.09
C GLN C 20 6.04 -5.50 14.77
N GLY C 21 5.72 -4.30 15.27
CA GLY C 21 4.42 -3.67 15.07
C GLY C 21 3.29 -4.46 15.67
N SER C 22 2.11 -4.44 15.02
CA SER C 22 0.90 -5.13 15.48
C SER C 22 0.89 -6.63 15.10
N CYS C 23 1.96 -7.33 15.40
CA CYS C 23 2.10 -8.75 15.14
C CYS C 23 2.90 -9.33 16.30
N GLY C 24 2.25 -10.25 17.03
CA GLY C 24 2.84 -10.91 18.19
C GLY C 24 3.84 -11.97 17.79
N ALA C 25 4.90 -11.56 17.06
CA ALA C 25 5.92 -12.48 16.58
C ALA C 25 7.28 -12.23 17.20
N SER C 26 7.33 -11.81 18.48
CA SER C 26 8.61 -11.60 19.19
C SER C 26 9.47 -12.88 19.17
N TRP C 27 8.82 -14.06 19.22
CA TRP C 27 9.49 -15.37 19.15
C TRP C 27 10.33 -15.55 17.86
N ALA C 28 9.80 -15.05 16.72
CA ALA C 28 10.46 -15.16 15.42
C ALA C 28 11.65 -14.20 15.39
N PHE C 29 11.48 -12.97 15.97
CA PHE C 29 12.57 -12.00 16.04
C PHE C 29 13.67 -12.46 16.97
N SER C 30 13.32 -13.06 18.11
CA SER C 30 14.28 -13.58 19.07
C SER C 30 15.09 -14.73 18.45
N ALA C 31 14.41 -15.64 17.72
CA ALA C 31 15.07 -16.77 17.06
C ALA C 31 16.01 -16.30 15.95
N VAL C 32 15.57 -15.36 15.08
CA VAL C 32 16.43 -14.89 13.96
C VAL C 32 17.66 -14.16 14.50
N GLY C 33 17.50 -13.34 15.54
CA GLY C 33 18.59 -12.59 16.14
C GLY C 33 19.72 -13.47 16.63
N ALA C 34 19.37 -14.58 17.29
CA ALA C 34 20.33 -15.55 17.81
C ALA C 34 21.07 -16.24 16.65
N LEU C 35 20.36 -16.60 15.57
CA LEU C 35 20.96 -17.26 14.40
C LEU C 35 21.83 -16.30 13.56
N GLU C 36 21.44 -15.01 13.48
CA GLU C 36 22.18 -13.96 12.79
C GLU C 36 23.59 -13.85 13.35
N ALA C 37 23.72 -13.94 14.69
CA ALA C 37 25.00 -13.88 15.40
C ALA C 37 25.87 -15.08 15.04
N GLN C 38 25.26 -16.28 14.98
CA GLN C 38 25.93 -17.52 14.63
C GLN C 38 26.41 -17.49 13.17
N LEU C 39 25.59 -16.95 12.26
CA LEU C 39 25.94 -16.83 10.85
C LEU C 39 27.19 -15.95 10.71
N LYS C 40 27.26 -14.85 11.48
CA LYS C 40 28.39 -13.94 11.46
C LYS C 40 29.62 -14.61 12.03
N LEU C 41 29.50 -15.25 13.18
CA LEU C 41 30.58 -15.97 13.84
C LEU C 41 31.22 -17.01 12.91
N LYS C 42 30.39 -17.76 12.14
CA LYS C 42 30.82 -18.85 11.26
C LYS C 42 31.28 -18.46 9.85
N THR C 43 30.76 -17.36 9.29
CA THR C 43 31.09 -16.94 7.91
C THR C 43 31.80 -15.59 7.82
N GLY C 44 31.63 -14.74 8.83
CA GLY C 44 32.18 -13.39 8.85
C GLY C 44 31.22 -12.37 8.29
N LYS C 45 30.01 -12.80 7.86
CA LYS C 45 29.02 -11.87 7.31
C LYS C 45 27.76 -11.75 8.14
N LEU C 46 27.36 -10.50 8.41
CA LEU C 46 26.16 -10.13 9.15
C LEU C 46 25.04 -9.86 8.15
N VAL C 47 23.97 -10.66 8.23
CA VAL C 47 22.80 -10.51 7.36
C VAL C 47 21.54 -10.78 8.20
N SER C 48 20.54 -9.88 8.10
CA SER C 48 19.26 -10.01 8.80
C SER C 48 18.50 -11.21 8.23
N LEU C 49 17.98 -12.07 9.12
CA LEU C 49 17.25 -13.24 8.69
C LEU C 49 15.74 -12.98 8.76
N SER C 50 14.98 -13.69 7.92
CA SER C 50 13.55 -13.47 7.77
C SER C 50 12.72 -13.98 8.93
N ALA C 51 12.23 -13.04 9.76
CA ALA C 51 11.29 -13.34 10.84
C ALA C 51 9.95 -13.76 10.19
N GLN C 52 9.59 -13.18 9.01
CA GLN C 52 8.36 -13.48 8.24
C GLN C 52 8.34 -14.95 7.79
N ASN C 53 9.53 -15.49 7.38
CA ASN C 53 9.72 -16.89 7.01
C ASN C 53 9.28 -17.78 8.18
N LEU C 54 9.63 -17.42 9.43
CA LEU C 54 9.21 -18.19 10.61
C LEU C 54 7.71 -18.05 10.87
N VAL C 55 7.21 -16.79 10.83
CA VAL C 55 5.79 -16.46 11.00
C VAL C 55 4.90 -17.28 10.05
N ASP C 56 5.27 -17.32 8.77
CA ASP C 56 4.51 -18.00 7.71
C ASP C 56 4.74 -19.49 7.54
N CYS C 57 5.94 -19.98 7.93
CA CYS C 57 6.31 -21.36 7.69
C CYS C 57 6.49 -22.22 8.94
N SER C 58 7.00 -21.67 10.06
CA SER C 58 7.15 -22.43 11.31
C SER C 58 5.82 -22.27 12.05
N THR C 59 4.81 -23.04 11.61
CA THR C 59 3.44 -22.90 12.07
C THR C 59 2.98 -24.07 12.97
N GLU C 60 1.76 -24.60 12.73
CA GLU C 60 1.09 -25.67 13.50
C GLU C 60 1.99 -26.84 13.89
N LYS C 61 2.74 -27.39 12.93
CA LYS C 61 3.65 -28.52 13.16
C LYS C 61 4.74 -28.19 14.19
N TYR C 62 4.96 -26.89 14.46
CA TYR C 62 5.97 -26.40 15.40
C TYR C 62 5.35 -25.79 16.64
N GLY C 63 4.04 -25.97 16.80
CA GLY C 63 3.27 -25.43 17.92
C GLY C 63 3.28 -23.91 17.97
N ASN C 64 3.47 -23.25 16.82
CA ASN C 64 3.54 -21.80 16.69
C ASN C 64 2.30 -21.24 16.00
N LYS C 65 1.97 -19.98 16.29
CA LYS C 65 0.78 -19.34 15.76
C LYS C 65 1.05 -17.95 15.09
N GLY C 66 2.23 -17.78 14.50
CA GLY C 66 2.66 -16.57 13.79
C GLY C 66 2.58 -15.28 14.58
N CYS C 67 1.58 -14.43 14.23
CA CYS C 67 1.29 -13.16 14.90
C CYS C 67 0.59 -13.36 16.27
N ASN C 68 0.21 -14.61 16.61
CA ASN C 68 -0.43 -14.96 17.87
C ASN C 68 0.50 -15.79 18.78
N GLY C 69 1.82 -15.59 18.64
CA GLY C 69 2.80 -16.23 19.48
C GLY C 69 3.45 -17.48 18.92
N GLY C 70 4.46 -17.95 19.63
CA GLY C 70 5.26 -19.10 19.25
C GLY C 70 6.45 -19.26 20.16
N PHE C 71 7.39 -20.13 19.78
CA PHE C 71 8.59 -20.46 20.55
C PHE C 71 9.84 -20.44 19.70
N MET C 72 10.94 -19.99 20.31
CA MET C 72 12.25 -19.92 19.65
C MET C 72 12.83 -21.31 19.38
N THR C 73 12.65 -22.26 20.32
CA THR C 73 13.13 -23.65 20.15
C THR C 73 12.56 -24.33 18.90
N THR C 74 11.22 -24.27 18.71
CA THR C 74 10.55 -24.88 17.56
C THR C 74 10.80 -24.09 16.26
N ALA C 75 11.13 -22.79 16.39
CA ALA C 75 11.52 -21.93 15.27
C ALA C 75 12.86 -22.43 14.75
N PHE C 76 13.78 -22.80 15.67
CA PHE C 76 15.09 -23.39 15.33
C PHE C 76 14.90 -24.76 14.70
N GLN C 77 13.98 -25.58 15.25
CA GLN C 77 13.65 -26.91 14.70
C GLN C 77 13.17 -26.81 13.24
N TYR C 78 12.27 -25.84 12.94
CA TYR C 78 11.83 -25.60 11.57
C TYR C 78 13.02 -25.31 10.64
N ILE C 79 13.95 -24.47 11.09
CA ILE C 79 15.15 -24.12 10.32
C ILE C 79 16.01 -25.36 10.08
N ILE C 80 16.10 -26.25 11.10
CA ILE C 80 16.81 -27.53 10.99
C ILE C 80 16.14 -28.41 9.89
N ASP C 81 14.82 -28.63 10.05
CA ASP C 81 14.01 -29.45 9.15
C ASP C 81 13.97 -28.94 7.70
N ASN C 82 13.78 -27.62 7.52
CA ASN C 82 13.65 -26.96 6.22
C ASN C 82 14.96 -26.83 5.46
N LYS C 83 16.09 -27.08 6.17
CA LYS C 83 17.45 -26.95 5.63
C LYS C 83 17.76 -25.49 5.23
N GLY C 84 17.22 -24.55 6.00
CA GLY C 84 17.46 -23.14 5.76
C GLY C 84 16.37 -22.18 6.16
N ILE C 85 16.75 -20.90 6.10
CA ILE C 85 15.90 -19.75 6.38
C ILE C 85 16.32 -18.65 5.40
N ASP C 86 15.33 -17.98 4.79
CA ASP C 86 15.59 -16.90 3.84
C ASP C 86 16.15 -15.66 4.53
N SER C 87 16.83 -14.80 3.77
CA SER C 87 17.32 -13.53 4.31
C SER C 87 16.07 -12.62 4.48
N ASP C 88 16.17 -11.61 5.35
CA ASP C 88 15.09 -10.65 5.57
C ASP C 88 14.80 -9.84 4.30
N ALA C 89 15.87 -9.51 3.52
CA ALA C 89 15.77 -8.75 2.29
C ALA C 89 14.91 -9.47 1.23
N SER C 90 15.07 -10.79 1.12
CA SER C 90 14.36 -11.63 0.14
C SER C 90 12.93 -11.98 0.52
N TYR C 91 12.67 -12.08 1.84
CA TYR C 91 11.38 -12.46 2.40
C TYR C 91 11.07 -11.38 3.49
N PRO C 92 10.67 -10.14 3.07
CA PRO C 92 10.47 -9.06 4.05
C PRO C 92 9.28 -9.23 5.00
N TYR C 93 9.40 -8.56 6.15
CA TYR C 93 8.44 -8.58 7.25
C TYR C 93 7.29 -7.65 6.99
N LYS C 94 6.06 -8.20 7.08
CA LYS C 94 4.82 -7.47 6.80
C LYS C 94 3.90 -7.32 8.03
N ALA C 95 4.34 -7.78 9.22
CA ALA C 95 3.58 -7.74 10.48
C ALA C 95 2.17 -8.34 10.34
N MET C 96 2.07 -9.44 9.57
CA MET C 96 0.85 -10.21 9.38
C MET C 96 1.15 -11.62 8.91
N ASP C 97 0.20 -12.53 9.17
CA ASP C 97 0.29 -13.94 8.80
C ASP C 97 0.04 -14.08 7.32
N GLN C 98 0.95 -14.78 6.63
CA GLN C 98 0.82 -15.01 5.19
C GLN C 98 0.99 -16.51 4.90
N LYS C 99 0.81 -16.89 3.63
CA LYS C 99 1.07 -18.25 3.17
C LYS C 99 2.59 -18.43 3.17
N CYS C 100 3.07 -19.65 3.44
CA CYS C 100 4.50 -19.94 3.42
C CYS C 100 5.02 -19.71 1.99
N GLN C 101 6.01 -18.82 1.86
CA GLN C 101 6.61 -18.45 0.58
C GLN C 101 8.11 -18.67 0.63
N TYR C 102 8.59 -19.64 1.43
CA TYR C 102 10.01 -19.94 1.51
C TYR C 102 10.55 -20.31 0.13
N ASP C 103 11.73 -19.76 -0.19
CA ASP C 103 12.38 -20.02 -1.47
C ASP C 103 13.85 -20.33 -1.19
N SER C 104 14.25 -21.60 -1.40
CA SER C 104 15.61 -22.08 -1.19
C SER C 104 16.68 -21.30 -1.96
N LYS C 105 16.27 -20.61 -3.05
CA LYS C 105 17.14 -19.77 -3.89
C LYS C 105 17.71 -18.59 -3.10
N TYR C 106 17.00 -18.12 -2.07
CA TYR C 106 17.41 -16.98 -1.27
C TYR C 106 17.74 -17.32 0.18
N ARG C 107 17.95 -18.63 0.45
CA ARG C 107 18.31 -19.15 1.78
C ARG C 107 19.66 -18.56 2.21
N ALA C 108 19.67 -17.87 3.37
CA ALA C 108 20.87 -17.19 3.88
C ALA C 108 21.55 -17.92 5.06
N ALA C 109 20.80 -18.72 5.79
CA ALA C 109 21.38 -19.45 6.93
C ALA C 109 20.73 -20.79 7.12
N THR C 110 21.46 -21.70 7.78
CA THR C 110 21.01 -23.03 8.16
C THR C 110 21.13 -23.10 9.70
N CYS C 111 20.65 -24.19 10.28
CA CYS C 111 20.75 -24.47 11.70
C CYS C 111 21.01 -25.96 11.82
N SER C 112 22.10 -26.36 12.53
CA SER C 112 22.50 -27.77 12.77
C SER C 112 21.74 -28.32 14.00
N LYS C 113 21.69 -27.52 15.07
CA LYS C 113 21.10 -27.87 16.34
C LYS C 113 20.75 -26.64 17.17
N TYR C 114 20.05 -26.86 18.31
CA TYR C 114 19.75 -25.83 19.30
C TYR C 114 19.89 -26.40 20.69
N THR C 115 20.24 -25.56 21.65
CA THR C 115 20.45 -25.99 23.04
C THR C 115 19.59 -25.14 23.97
N GLU C 116 18.88 -25.79 24.88
CA GLU C 116 18.07 -25.12 25.90
C GLU C 116 18.85 -25.14 27.18
N LEU C 117 18.86 -24.01 27.90
CA LEU C 117 19.60 -23.87 29.15
C LEU C 117 18.74 -24.15 30.40
N PRO C 118 19.34 -24.61 31.53
CA PRO C 118 18.52 -24.90 32.72
C PRO C 118 17.79 -23.67 33.26
N TYR C 119 16.57 -23.89 33.78
CA TYR C 119 15.68 -22.86 34.31
C TYR C 119 16.33 -22.08 35.48
N GLY C 120 16.30 -20.76 35.36
CA GLY C 120 16.71 -19.80 36.38
C GLY C 120 18.20 -19.68 36.67
N ARG C 121 19.05 -20.39 35.88
CA ARG C 121 20.50 -20.40 36.08
C ARG C 121 21.19 -19.26 35.34
N GLU C 122 21.38 -18.14 36.05
CA GLU C 122 22.01 -16.94 35.48
C GLU C 122 23.50 -17.11 35.25
N ASP C 123 24.14 -18.03 36.01
CA ASP C 123 25.56 -18.39 35.84
C ASP C 123 25.75 -19.14 34.51
N VAL C 124 24.87 -20.12 34.22
CA VAL C 124 24.89 -20.93 32.98
C VAL C 124 24.55 -20.02 31.79
N LEU C 125 23.61 -19.07 31.97
CA LEU C 125 23.24 -18.12 30.92
C LEU C 125 24.43 -17.21 30.60
N LYS C 126 25.12 -16.72 31.65
CA LYS C 126 26.31 -15.87 31.51
C LYS C 126 27.39 -16.57 30.72
N GLU C 127 27.66 -17.86 31.04
CA GLU C 127 28.67 -18.67 30.36
C GLU C 127 28.34 -18.85 28.87
N ALA C 128 27.06 -19.13 28.56
CA ALA C 128 26.58 -19.33 27.18
C ALA C 128 26.67 -18.03 26.37
N VAL C 129 26.31 -16.87 26.98
CA VAL C 129 26.43 -15.55 26.31
C VAL C 129 27.91 -15.27 25.98
N ALA C 130 28.81 -15.52 26.95
CA ALA C 130 30.24 -15.32 26.76
C ALA C 130 30.89 -16.22 25.69
N ASN C 131 30.62 -17.54 25.76
CA ASN C 131 31.28 -18.57 24.95
C ASN C 131 30.57 -19.03 23.70
N LYS C 132 29.27 -18.82 23.60
CA LYS C 132 28.52 -19.26 22.44
C LYS C 132 28.03 -18.07 21.63
N GLY C 133 27.47 -17.08 22.30
CA GLY C 133 26.97 -15.88 21.64
C GLY C 133 25.60 -15.49 22.15
N PRO C 134 24.90 -14.57 21.44
CA PRO C 134 23.57 -14.16 21.90
C PRO C 134 22.60 -15.31 22.13
N VAL C 135 21.84 -15.23 23.23
CA VAL C 135 20.92 -16.29 23.66
C VAL C 135 19.49 -15.80 23.61
N SER C 136 18.60 -16.60 22.96
CA SER C 136 17.17 -16.31 22.87
C SER C 136 16.55 -16.57 24.24
N VAL C 137 15.77 -15.62 24.77
CA VAL C 137 15.15 -15.78 26.09
C VAL C 137 13.72 -15.22 26.06
N GLY C 138 12.94 -15.65 27.04
CA GLY C 138 11.64 -15.09 27.32
C GLY C 138 11.79 -14.18 28.52
N VAL C 139 10.95 -13.11 28.61
CA VAL C 139 10.92 -12.22 29.78
C VAL C 139 9.49 -11.90 30.16
N ASP C 140 9.27 -11.55 31.44
CA ASP C 140 8.00 -11.04 31.90
C ASP C 140 8.10 -9.53 31.57
N ALA C 141 7.45 -9.13 30.46
CA ALA C 141 7.45 -7.76 29.95
C ALA C 141 6.07 -7.08 30.04
N ARG C 142 5.14 -7.65 30.82
CA ARG C 142 3.75 -7.17 30.95
C ARG C 142 3.57 -5.91 31.80
N HIS C 143 4.51 -5.65 32.69
CA HIS C 143 4.44 -4.54 33.63
C HIS C 143 4.56 -3.16 32.97
N PRO C 144 3.71 -2.19 33.40
CA PRO C 144 3.78 -0.82 32.84
C PRO C 144 5.20 -0.23 32.73
N SER C 145 6.08 -0.53 33.71
CA SER C 145 7.48 -0.08 33.76
C SER C 145 8.30 -0.57 32.57
N PHE C 146 8.01 -1.77 32.01
CA PHE C 146 8.73 -2.26 30.82
C PHE C 146 8.34 -1.39 29.64
N PHE C 147 7.05 -1.14 29.48
CA PHE C 147 6.50 -0.33 28.38
C PHE C 147 7.01 1.11 28.40
N LEU C 148 7.30 1.63 29.60
CA LEU C 148 7.75 3.00 29.83
C LEU C 148 9.27 3.13 29.96
N TYR C 149 10.00 1.98 29.90
CA TYR C 149 11.46 1.95 30.00
C TYR C 149 12.14 2.85 28.99
N ARG C 150 13.03 3.71 29.50
CA ARG C 150 13.84 4.63 28.72
C ARG C 150 15.33 4.33 28.83
N SER C 151 15.85 4.20 30.07
CA SER C 151 17.28 4.00 30.27
C SER C 151 17.68 3.37 31.61
N GLY C 152 18.95 2.97 31.68
CA GLY C 152 19.55 2.38 32.87
C GLY C 152 19.17 0.94 33.11
N VAL C 153 19.42 0.47 34.33
CA VAL C 153 19.15 -0.92 34.71
C VAL C 153 17.71 -1.09 35.19
N TYR C 154 16.95 -1.86 34.42
CA TYR C 154 15.54 -2.16 34.65
C TYR C 154 15.35 -3.13 35.81
N TYR C 155 14.67 -2.68 36.85
CA TYR C 155 14.30 -3.49 37.98
C TYR C 155 12.83 -3.23 38.30
N GLU C 156 12.02 -4.29 38.26
CA GLU C 156 10.59 -4.23 38.53
C GLU C 156 10.24 -5.17 39.70
N PRO C 157 9.96 -4.64 40.91
CA PRO C 157 9.64 -5.53 42.07
C PRO C 157 8.46 -6.49 41.85
N SER C 158 7.50 -6.13 40.98
CA SER C 158 6.32 -6.94 40.66
C SER C 158 6.59 -7.95 39.52
N CYS C 159 7.82 -8.00 38.99
CA CYS C 159 8.17 -8.97 37.95
C CYS C 159 8.09 -10.40 38.47
N THR C 160 7.77 -11.35 37.60
CA THR C 160 7.69 -12.78 37.94
C THR C 160 8.63 -13.53 36.99
N GLN C 161 8.84 -14.83 37.24
CA GLN C 161 9.69 -15.69 36.42
C GLN C 161 8.91 -16.31 35.26
N ASN C 162 7.62 -15.96 35.15
CA ASN C 162 6.73 -16.43 34.09
C ASN C 162 6.85 -15.48 32.93
N VAL C 163 7.46 -15.96 31.86
CA VAL C 163 7.77 -15.20 30.65
C VAL C 163 6.55 -15.02 29.76
N ASN C 164 6.56 -13.95 28.94
CA ASN C 164 5.44 -13.61 28.06
C ASN C 164 5.85 -12.83 26.81
N HIS C 165 7.18 -12.66 26.59
CA HIS C 165 7.70 -11.91 25.46
C HIS C 165 9.13 -12.40 25.15
N GLY C 166 9.37 -12.75 23.89
CA GLY C 166 10.65 -13.23 23.39
C GLY C 166 11.58 -12.10 23.02
N VAL C 167 12.81 -12.16 23.56
CA VAL C 167 13.87 -11.15 23.36
C VAL C 167 15.23 -11.85 23.13
N LEU C 168 16.30 -11.08 22.91
CA LEU C 168 17.64 -11.60 22.64
C LEU C 168 18.64 -11.04 23.63
N VAL C 169 19.36 -11.89 24.36
CA VAL C 169 20.43 -11.41 25.26
C VAL C 169 21.69 -11.33 24.40
N VAL C 170 22.17 -10.11 24.14
CA VAL C 170 23.36 -9.85 23.30
C VAL C 170 24.59 -9.49 24.13
N GLY C 171 24.44 -9.50 25.45
CA GLY C 171 25.55 -9.21 26.33
C GLY C 171 25.15 -9.12 27.78
N TYR C 172 26.09 -8.66 28.61
CA TYR C 172 25.93 -8.46 30.05
C TYR C 172 27.06 -7.55 30.55
N GLY C 173 26.84 -6.91 31.69
CA GLY C 173 27.80 -6.02 32.30
C GLY C 173 27.20 -5.44 33.55
N ASP C 174 27.64 -4.24 33.92
CA ASP C 174 27.18 -3.52 35.10
C ASP C 174 27.23 -2.03 34.89
N LEU C 175 26.25 -1.32 35.47
CA LEU C 175 26.17 0.14 35.39
C LEU C 175 26.52 0.59 36.78
N ASN C 176 27.80 0.94 36.96
CA ASN C 176 28.40 1.38 38.21
C ASN C 176 28.11 0.40 39.36
N GLY C 177 28.27 -0.90 39.08
CA GLY C 177 27.99 -1.95 40.06
C GLY C 177 26.64 -2.64 39.93
N LYS C 178 25.66 -1.99 39.30
CA LYS C 178 24.33 -2.59 39.09
C LYS C 178 24.41 -3.50 37.87
N GLU C 179 24.50 -4.82 38.13
CA GLU C 179 24.64 -5.85 37.09
C GLU C 179 23.42 -5.93 36.20
N TYR C 180 23.65 -6.15 34.91
CA TYR C 180 22.56 -6.23 33.95
C TYR C 180 22.83 -7.26 32.84
N TRP C 181 21.76 -7.59 32.10
CA TRP C 181 21.74 -8.38 30.88
C TRP C 181 21.40 -7.37 29.80
N LEU C 182 22.21 -7.33 28.73
CA LEU C 182 21.97 -6.43 27.60
C LEU C 182 21.00 -7.14 26.68
N VAL C 183 19.79 -6.59 26.57
CA VAL C 183 18.71 -7.24 25.83
C VAL C 183 18.28 -6.45 24.61
N LYS C 184 18.20 -7.16 23.46
CA LYS C 184 17.73 -6.60 22.19
C LYS C 184 16.23 -6.90 22.11
N ASN C 185 15.40 -5.84 22.04
CA ASN C 185 13.97 -5.98 21.90
C ASN C 185 13.61 -5.81 20.41
N SER C 186 12.33 -6.00 20.05
CA SER C 186 11.85 -5.87 18.69
C SER C 186 10.70 -4.83 18.59
N TRP C 187 10.87 -3.71 19.31
CA TRP C 187 9.89 -2.61 19.34
C TRP C 187 10.48 -1.35 18.68
N GLY C 188 11.42 -1.54 17.76
CA GLY C 188 12.09 -0.45 17.06
C GLY C 188 13.07 0.31 17.92
N HIS C 189 13.82 1.25 17.33
CA HIS C 189 14.86 1.99 18.04
C HIS C 189 14.33 3.03 19.05
N ASN C 190 13.04 3.40 19.00
CA ASN C 190 12.47 4.39 19.93
C ASN C 190 12.19 3.80 21.31
N PHE C 191 12.23 2.45 21.46
CA PHE C 191 12.05 1.81 22.76
C PHE C 191 13.39 1.81 23.47
N GLY C 192 13.40 2.23 24.74
CA GLY C 192 14.57 2.21 25.60
C GLY C 192 15.81 2.86 25.05
N GLU C 193 16.93 2.17 25.20
CA GLU C 193 18.24 2.67 24.76
C GLU C 193 18.54 2.18 23.35
N GLU C 194 18.03 2.92 22.35
CA GLU C 194 18.13 2.64 20.92
C GLU C 194 17.64 1.23 20.57
N GLY C 195 16.53 0.83 21.20
CA GLY C 195 15.91 -0.48 20.99
C GLY C 195 16.33 -1.56 21.95
N TYR C 196 17.22 -1.20 22.92
CA TYR C 196 17.77 -2.13 23.91
C TYR C 196 17.26 -1.81 25.31
N ILE C 197 17.26 -2.83 26.18
CA ILE C 197 16.91 -2.76 27.60
C ILE C 197 17.94 -3.54 28.40
N ARG C 198 18.54 -2.86 29.40
CA ARG C 198 19.50 -3.45 30.33
C ARG C 198 18.68 -3.86 31.53
N MET C 199 18.49 -5.17 31.71
CA MET C 199 17.65 -5.76 32.74
C MET C 199 18.48 -6.34 33.87
N ALA C 200 18.03 -6.15 35.14
CA ALA C 200 18.72 -6.62 36.34
C ALA C 200 19.21 -8.07 36.25
N ARG C 201 20.52 -8.26 36.49
CA ARG C 201 21.19 -9.56 36.44
C ARG C 201 21.57 -9.95 37.86
N ASN C 202 21.57 -11.28 38.16
CA ASN C 202 21.91 -11.87 39.46
C ASN C 202 20.97 -11.36 40.57
N LYS C 203 19.71 -11.10 40.20
CA LYS C 203 18.66 -10.66 41.12
C LYS C 203 17.54 -11.73 41.17
N GLY C 204 17.94 -12.99 41.38
CA GLY C 204 17.03 -14.14 41.51
C GLY C 204 16.13 -14.39 40.32
N ASN C 205 16.73 -14.44 39.10
CA ASN C 205 16.04 -14.67 37.82
C ASN C 205 14.98 -13.59 37.57
N HIS C 206 15.39 -12.33 37.68
CA HIS C 206 14.52 -11.17 37.54
C HIS C 206 13.82 -11.15 36.18
N CYS C 207 12.48 -11.09 36.22
CA CYS C 207 11.58 -11.13 35.07
C CYS C 207 11.68 -12.45 34.26
N GLY C 208 12.25 -13.48 34.86
CA GLY C 208 12.40 -14.80 34.25
C GLY C 208 13.31 -14.81 33.04
N ILE C 209 14.34 -13.96 33.06
CA ILE C 209 15.30 -13.85 31.96
C ILE C 209 16.01 -15.20 31.68
N ALA C 210 16.31 -15.98 32.74
CA ALA C 210 16.98 -17.27 32.63
C ALA C 210 16.00 -18.46 32.80
N SER C 211 14.70 -18.20 32.71
CA SER C 211 13.65 -19.23 32.78
C SER C 211 13.68 -20.18 31.60
N PHE C 212 13.64 -19.64 30.34
CA PHE C 212 13.66 -20.48 29.13
C PHE C 212 14.66 -20.01 28.06
N PRO C 213 15.98 -20.09 28.35
CA PRO C 213 16.97 -19.67 27.35
C PRO C 213 17.30 -20.76 26.33
N SER C 214 17.56 -20.36 25.08
CA SER C 214 17.95 -21.28 23.99
C SER C 214 18.82 -20.58 22.94
N TYR C 215 19.73 -21.33 22.31
CA TYR C 215 20.59 -20.75 21.28
C TYR C 215 20.83 -21.77 20.15
N PRO C 216 20.89 -21.32 18.88
CA PRO C 216 21.15 -22.26 17.79
C PRO C 216 22.65 -22.37 17.51
N GLU C 217 23.02 -23.36 16.70
CA GLU C 217 24.41 -23.52 16.28
C GLU C 217 24.48 -23.97 14.82
N ILE C 218 25.52 -23.54 14.10
CA ILE C 218 25.83 -23.88 12.71
C ILE C 218 27.18 -24.63 12.81
N LEU C 219 27.14 -25.95 12.61
CA LEU C 219 28.35 -26.76 12.77
C LEU C 219 29.19 -26.86 11.51
N GLN C 220 30.52 -26.95 11.70
CA GLN C 220 31.49 -27.07 10.63
C GLN C 220 32.07 -28.47 10.73
N GLY C 221 31.39 -29.40 10.03
CA GLY C 221 31.70 -30.82 9.95
C GLY C 221 31.71 -31.50 11.31
N GLY C 222 32.74 -32.30 11.57
CA GLY C 222 32.96 -33.02 12.82
C GLY C 222 34.15 -33.96 12.77
N GLY C 223 34.67 -34.32 13.94
CA GLY C 223 35.81 -35.21 14.09
C GLY C 223 35.70 -36.13 15.29
N LEU D 2 4.13 27.11 17.29
CA LEU D 2 5.51 27.50 17.60
C LEU D 2 5.73 29.02 17.38
N PRO D 3 5.49 29.67 16.20
CA PRO D 3 5.65 31.15 16.14
C PRO D 3 4.58 31.82 16.99
N ASP D 4 4.94 32.88 17.69
CA ASP D 4 4.04 33.60 18.61
C ASP D 4 2.83 34.25 17.92
N SER D 5 3.04 34.75 16.71
CA SER D 5 2.03 35.38 15.87
C SER D 5 2.13 34.84 14.44
N VAL D 6 1.01 34.72 13.75
CA VAL D 6 0.94 34.23 12.37
C VAL D 6 -0.04 35.14 11.65
N ASP D 7 0.28 35.50 10.40
CA ASP D 7 -0.59 36.25 9.49
C ASP D 7 -0.34 35.73 8.07
N TRP D 8 -1.24 34.87 7.56
CA TRP D 8 -1.11 34.25 6.24
C TRP D 8 -1.27 35.24 5.08
N ARG D 9 -1.79 36.45 5.33
CA ARG D 9 -1.92 37.54 4.33
C ARG D 9 -0.54 38.03 3.93
N GLU D 10 0.39 38.06 4.89
CA GLU D 10 1.78 38.49 4.68
C GLU D 10 2.59 37.51 3.83
N LYS D 11 2.08 36.26 3.63
CA LYS D 11 2.72 35.24 2.78
C LYS D 11 1.97 35.08 1.46
N GLY D 12 1.03 35.99 1.22
CA GLY D 12 0.23 36.05 0.01
C GLY D 12 -0.69 34.87 -0.18
N CYS D 13 -1.13 34.26 0.92
CA CYS D 13 -1.99 33.06 0.93
C CYS D 13 -3.47 33.38 1.07
N VAL D 14 -3.83 34.68 1.14
CA VAL D 14 -5.22 35.11 1.38
C VAL D 14 -5.72 36.01 0.27
N THR D 15 -6.85 35.64 -0.37
CA THR D 15 -7.42 36.47 -1.43
C THR D 15 -8.22 37.62 -0.81
N GLU D 16 -8.74 38.52 -1.68
CA GLU D 16 -9.57 39.66 -1.31
C GLU D 16 -10.82 39.18 -0.54
N VAL D 17 -11.23 39.99 0.45
CA VAL D 17 -12.43 39.71 1.25
C VAL D 17 -13.63 39.73 0.28
N LYS D 18 -14.52 38.73 0.40
CA LYS D 18 -15.71 38.57 -0.42
C LYS D 18 -16.96 39.08 0.29
N TYR D 19 -18.01 39.38 -0.49
CA TYR D 19 -19.28 39.87 0.01
C TYR D 19 -20.33 38.86 -0.36
N GLN D 20 -20.77 38.06 0.62
CA GLN D 20 -21.77 37.01 0.43
C GLN D 20 -23.18 37.55 0.12
N GLY D 21 -23.49 38.74 0.61
CA GLY D 21 -24.79 39.37 0.40
C GLY D 21 -25.93 38.58 0.98
N SER D 22 -27.11 38.64 0.34
CA SER D 22 -28.32 37.93 0.79
C SER D 22 -28.34 36.44 0.39
N CYS D 23 -27.26 35.73 0.72
CA CYS D 23 -27.11 34.31 0.45
C CYS D 23 -26.33 33.73 1.60
N GLY D 24 -26.97 32.82 2.33
CA GLY D 24 -26.39 32.15 3.48
C GLY D 24 -25.38 31.08 3.09
N ALA D 25 -24.33 31.49 2.37
CA ALA D 25 -23.31 30.57 1.90
C ALA D 25 -21.93 30.83 2.53
N SER D 26 -21.89 31.24 3.82
CA SER D 26 -20.62 31.45 4.53
C SER D 26 -19.75 30.18 4.51
N TRP D 27 -20.41 28.98 4.54
CA TRP D 27 -19.74 27.68 4.48
C TRP D 27 -18.88 27.51 3.20
N ALA D 28 -19.42 28.00 2.05
CA ALA D 28 -18.75 27.90 0.76
C ALA D 28 -17.57 28.86 0.73
N PHE D 29 -17.73 30.07 1.30
CA PHE D 29 -16.65 31.05 1.40
C PHE D 29 -15.54 30.59 2.33
N SER D 30 -15.91 29.99 3.46
CA SER D 30 -14.95 29.47 4.42
C SER D 30 -14.14 28.33 3.80
N ALA D 31 -14.81 27.40 3.07
CA ALA D 31 -14.15 26.29 2.41
C ALA D 31 -13.21 26.76 1.30
N VAL D 32 -13.65 27.70 0.41
CA VAL D 32 -12.79 28.17 -0.69
C VAL D 32 -11.55 28.88 -0.15
N GLY D 33 -11.71 29.71 0.89
CA GLY D 33 -10.62 30.45 1.51
C GLY D 33 -9.50 29.57 1.98
N ALA D 34 -9.85 28.46 2.65
CA ALA D 34 -8.89 27.49 3.16
C ALA D 34 -8.15 26.81 2.02
N LEU D 35 -8.86 26.44 0.92
CA LEU D 35 -8.25 25.79 -0.25
C LEU D 35 -7.38 26.75 -1.08
N GLU D 36 -7.77 28.04 -1.15
CA GLU D 36 -7.02 29.10 -1.84
C GLU D 36 -5.62 29.22 -1.28
N ALA D 37 -5.47 29.12 0.05
CA ALA D 37 -4.20 29.17 0.77
C ALA D 37 -3.33 27.97 0.41
N GLN D 38 -3.94 26.77 0.35
CA GLN D 38 -3.26 25.53 -0.02
C GLN D 38 -2.79 25.55 -1.46
N LEU D 39 -3.62 26.12 -2.37
CA LEU D 39 -3.28 26.24 -3.78
C LEU D 39 -2.03 27.12 -3.94
N LYS D 40 -1.96 28.22 -3.16
CA LYS D 40 -0.81 29.12 -3.19
C LYS D 40 0.41 28.43 -2.62
N LEU D 41 0.29 27.80 -1.47
CA LEU D 41 1.37 27.07 -0.81
C LEU D 41 2.03 26.04 -1.74
N LYS D 42 1.20 25.30 -2.52
CA LYS D 42 1.61 24.19 -3.40
C LYS D 42 2.08 24.59 -4.81
N THR D 43 1.56 25.69 -5.36
CA THR D 43 1.89 26.11 -6.73
C THR D 43 2.59 27.47 -6.82
N GLY D 44 2.42 28.31 -5.82
CA GLY D 44 2.96 29.66 -5.83
C GLY D 44 2.00 30.69 -6.38
N LYS D 45 0.80 30.27 -6.79
CA LYS D 45 -0.19 31.20 -7.34
C LYS D 45 -1.45 31.32 -6.51
N LEU D 46 -1.85 32.57 -6.24
CA LEU D 46 -3.04 32.94 -5.48
C LEU D 46 -4.17 33.22 -6.48
N VAL D 47 -5.25 32.41 -6.41
CA VAL D 47 -6.41 32.57 -7.27
C VAL D 47 -7.66 32.30 -6.43
N SER D 48 -8.67 33.20 -6.53
CA SER D 48 -9.95 33.05 -5.84
C SER D 48 -10.71 31.85 -6.43
N LEU D 49 -11.22 31.00 -5.55
CA LEU D 49 -11.97 29.82 -5.98
C LEU D 49 -13.47 30.09 -5.92
N SER D 50 -14.22 29.39 -6.76
CA SER D 50 -15.65 29.61 -6.91
C SER D 50 -16.49 29.08 -5.75
N ALA D 51 -16.99 30.01 -4.91
CA ALA D 51 -17.92 29.70 -3.83
C ALA D 51 -19.24 29.29 -4.49
N GLN D 52 -19.56 29.84 -5.70
CA GLN D 52 -20.77 29.54 -6.47
C GLN D 52 -20.78 28.06 -6.92
N ASN D 53 -19.61 27.53 -7.35
CA ASN D 53 -19.41 26.12 -7.70
C ASN D 53 -19.93 25.26 -6.52
N LEU D 54 -19.56 25.61 -5.27
CA LEU D 54 -20.00 24.88 -4.08
C LEU D 54 -21.50 25.00 -3.81
N VAL D 55 -22.01 26.26 -3.87
CA VAL D 55 -23.42 26.60 -3.68
C VAL D 55 -24.29 25.79 -4.63
N ASP D 56 -23.90 25.74 -5.91
CA ASP D 56 -24.66 25.08 -6.96
C ASP D 56 -24.50 23.57 -7.08
N CYS D 57 -23.30 23.07 -6.75
CA CYS D 57 -22.94 21.67 -6.97
C CYS D 57 -22.75 20.81 -5.72
N SER D 58 -22.21 21.34 -4.60
CA SER D 58 -22.06 20.57 -3.36
C SER D 58 -23.39 20.72 -2.62
N THR D 59 -24.41 19.97 -3.07
CA THR D 59 -25.79 20.13 -2.60
C THR D 59 -26.25 18.96 -1.69
N GLU D 60 -27.48 18.41 -1.91
CA GLU D 60 -28.12 17.34 -1.12
C GLU D 60 -27.21 16.19 -0.74
N LYS D 61 -26.46 15.64 -1.71
CA LYS D 61 -25.54 14.53 -1.49
C LYS D 61 -24.46 14.87 -0.46
N TYR D 62 -24.23 16.16 -0.22
CA TYR D 62 -23.23 16.66 0.73
C TYR D 62 -23.86 17.27 1.99
N GLY D 63 -25.17 17.09 2.15
CA GLY D 63 -25.94 17.63 3.27
C GLY D 63 -25.94 19.15 3.30
N ASN D 64 -25.75 19.80 2.15
CA ASN D 64 -25.68 21.26 2.01
C ASN D 64 -26.93 21.81 1.30
N LYS D 65 -27.27 23.08 1.59
CA LYS D 65 -28.48 23.71 1.06
C LYS D 65 -28.25 25.08 0.39
N GLY D 66 -27.09 25.26 -0.24
CA GLY D 66 -26.70 26.49 -0.95
C GLY D 66 -26.75 27.75 -0.12
N CYS D 67 -27.70 28.63 -0.47
CA CYS D 67 -27.96 29.90 0.22
C CYS D 67 -28.66 29.72 1.58
N ASN D 68 -29.03 28.47 1.92
CA ASN D 68 -29.66 28.11 3.18
C ASN D 68 -28.72 27.27 4.07
N GLY D 69 -27.41 27.48 3.91
CA GLY D 69 -26.42 26.82 4.76
C GLY D 69 -25.78 25.58 4.20
N GLY D 70 -24.77 25.11 4.93
CA GLY D 70 -23.96 23.95 4.57
C GLY D 70 -22.77 23.80 5.48
N PHE D 71 -21.82 22.94 5.10
CA PHE D 71 -20.63 22.59 5.88
C PHE D 71 -19.37 22.62 5.04
N MET D 72 -18.29 23.06 5.65
CA MET D 72 -16.97 23.12 5.00
C MET D 72 -16.39 21.74 4.72
N THR D 73 -16.57 20.79 5.66
CA THR D 73 -16.09 19.39 5.49
C THR D 73 -16.65 18.72 4.23
N THR D 74 -17.98 18.78 4.04
CA THR D 74 -18.65 18.16 2.89
C THR D 74 -18.40 18.95 1.60
N ALA D 75 -18.08 20.27 1.73
CA ALA D 75 -17.71 21.12 0.61
C ALA D 75 -16.36 20.61 0.08
N PHE D 76 -15.42 20.27 1.01
CA PHE D 76 -14.12 19.67 0.68
C PHE D 76 -14.29 18.31 0.04
N GLN D 77 -15.22 17.47 0.58
CA GLN D 77 -15.55 16.15 0.02
C GLN D 77 -16.03 16.25 -1.44
N TYR D 78 -16.91 17.23 -1.74
CA TYR D 78 -17.38 17.47 -3.10
C TYR D 78 -16.18 17.76 -4.03
N ILE D 79 -15.25 18.64 -3.62
CA ILE D 79 -14.06 18.98 -4.42
C ILE D 79 -13.22 17.72 -4.65
N ILE D 80 -13.11 16.85 -3.60
CA ILE D 80 -12.38 15.55 -3.70
C ILE D 80 -13.07 14.67 -4.80
N ASP D 81 -14.39 14.45 -4.65
CA ASP D 81 -15.20 13.62 -5.54
C ASP D 81 -15.21 14.13 -6.98
N ASN D 82 -15.36 15.45 -7.13
CA ASN D 82 -15.47 16.15 -8.40
C ASN D 82 -14.14 16.28 -9.15
N LYS D 83 -13.02 15.94 -8.49
CA LYS D 83 -11.66 16.07 -9.04
C LYS D 83 -11.32 17.54 -9.47
N GLY D 84 -11.95 18.52 -8.80
CA GLY D 84 -11.70 19.93 -9.11
C GLY D 84 -12.75 20.92 -8.71
N ILE D 85 -12.34 22.18 -8.60
CA ILE D 85 -13.19 23.34 -8.31
C ILE D 85 -12.81 24.43 -9.30
N ASP D 86 -13.80 25.07 -9.92
CA ASP D 86 -13.54 26.16 -10.86
C ASP D 86 -13.01 27.39 -10.16
N SER D 87 -12.33 28.27 -10.91
CA SER D 87 -11.86 29.54 -10.36
C SER D 87 -13.10 30.44 -10.20
N ASP D 88 -13.02 31.47 -9.33
CA ASP D 88 -14.10 32.43 -9.11
C ASP D 88 -14.37 33.23 -10.38
N ALA D 89 -13.32 33.55 -11.14
CA ALA D 89 -13.42 34.32 -12.38
C ALA D 89 -14.27 33.60 -13.45
N SER D 90 -14.12 32.26 -13.54
CA SER D 90 -14.80 31.43 -14.53
C SER D 90 -16.24 31.08 -14.15
N TYR D 91 -16.50 31.04 -12.84
CA TYR D 91 -17.79 30.65 -12.29
C TYR D 91 -18.09 31.69 -11.18
N PRO D 92 -18.50 32.93 -11.59
CA PRO D 92 -18.70 33.99 -10.59
C PRO D 92 -19.88 33.80 -9.64
N TYR D 93 -19.76 34.44 -8.47
CA TYR D 93 -20.73 34.41 -7.39
C TYR D 93 -21.88 35.36 -7.67
N LYS D 94 -23.12 34.84 -7.57
CA LYS D 94 -24.35 35.60 -7.86
C LYS D 94 -25.27 35.77 -6.64
N ALA D 95 -24.83 35.29 -5.45
CA ALA D 95 -25.61 35.33 -4.20
C ALA D 95 -27.01 34.74 -4.33
N MET D 96 -27.11 33.60 -5.06
CA MET D 96 -28.33 32.83 -5.27
C MET D 96 -28.03 31.41 -5.71
N ASP D 97 -29.00 30.50 -5.49
CA ASP D 97 -28.89 29.09 -5.87
C ASP D 97 -29.12 28.97 -7.35
N GLN D 98 -28.22 28.25 -8.03
CA GLN D 98 -28.34 28.06 -9.48
C GLN D 98 -28.21 26.57 -9.81
N LYS D 99 -28.37 26.22 -11.10
CA LYS D 99 -28.15 24.87 -11.59
C LYS D 99 -26.62 24.67 -11.57
N CYS D 100 -26.14 23.44 -11.28
CA CYS D 100 -24.71 23.18 -11.27
C CYS D 100 -24.16 23.38 -12.68
N GLN D 101 -23.17 24.28 -12.80
CA GLN D 101 -22.55 24.64 -14.07
C GLN D 101 -21.06 24.37 -14.06
N TYR D 102 -20.60 23.38 -13.24
CA TYR D 102 -19.17 23.02 -13.17
C TYR D 102 -18.63 22.68 -14.55
N ASP D 103 -17.46 23.22 -14.86
CA ASP D 103 -16.79 23.01 -16.13
C ASP D 103 -15.32 22.72 -15.84
N SER D 104 -14.89 21.44 -16.00
CA SER D 104 -13.50 20.99 -15.79
C SER D 104 -12.47 21.76 -16.61
N LYS D 105 -12.91 22.43 -17.70
CA LYS D 105 -12.04 23.25 -18.54
C LYS D 105 -11.47 24.45 -17.76
N TYR D 106 -12.18 24.91 -16.71
CA TYR D 106 -11.77 26.06 -15.92
C TYR D 106 -11.42 25.72 -14.47
N ARG D 107 -11.21 24.41 -14.20
CA ARG D 107 -10.84 23.86 -12.88
C ARG D 107 -9.49 24.48 -12.46
N ALA D 108 -9.46 25.17 -11.30
CA ALA D 108 -8.29 25.89 -10.80
C ALA D 108 -7.61 25.21 -9.64
N ALA D 109 -8.37 24.41 -8.91
CA ALA D 109 -7.83 23.68 -7.77
C ALA D 109 -8.42 22.31 -7.64
N THR D 110 -7.73 21.50 -6.85
CA THR D 110 -7.99 20.13 -6.48
C THR D 110 -7.93 20.07 -4.96
N CYS D 111 -8.39 18.95 -4.39
CA CYS D 111 -8.35 18.60 -3.00
C CYS D 111 -8.10 17.10 -2.88
N SER D 112 -7.10 16.71 -2.11
CA SER D 112 -6.72 15.31 -1.89
C SER D 112 -7.47 14.75 -0.68
N LYS D 113 -7.52 15.56 0.41
CA LYS D 113 -8.10 15.20 1.69
C LYS D 113 -8.45 16.43 2.53
N TYR D 114 -9.15 16.20 3.65
CA TYR D 114 -9.46 17.23 4.65
C TYR D 114 -9.30 16.65 6.05
N THR D 115 -8.95 17.49 7.00
CA THR D 115 -8.75 17.07 8.38
C THR D 115 -9.60 17.92 9.31
N GLU D 116 -10.32 17.25 10.21
CA GLU D 116 -11.13 17.92 11.23
C GLU D 116 -10.33 17.91 12.51
N LEU D 117 -10.34 19.04 13.23
CA LEU D 117 -9.57 19.18 14.49
C LEU D 117 -10.43 18.89 15.73
N PRO D 118 -9.83 18.43 16.87
CA PRO D 118 -10.65 18.15 18.07
C PRO D 118 -11.39 19.38 18.59
N TYR D 119 -12.61 19.14 19.09
CA TYR D 119 -13.50 20.18 19.61
C TYR D 119 -12.86 20.95 20.78
N GLY D 120 -12.89 22.28 20.68
CA GLY D 120 -12.49 23.24 21.69
C GLY D 120 -11.01 23.37 21.99
N ARG D 121 -10.16 22.67 21.21
CA ARG D 121 -8.71 22.66 21.40
C ARG D 121 -8.02 23.79 20.67
N GLU D 122 -7.84 24.92 21.36
CA GLU D 122 -7.21 26.11 20.80
C GLU D 122 -5.71 25.95 20.57
N ASP D 123 -5.07 25.05 21.33
CA ASP D 123 -3.66 24.70 21.17
C ASP D 123 -3.45 23.93 19.86
N VAL D 124 -4.32 22.93 19.58
CA VAL D 124 -4.30 22.13 18.34
C VAL D 124 -4.64 23.03 17.13
N LEU D 125 -5.57 24.00 17.32
CA LEU D 125 -5.95 24.93 16.25
C LEU D 125 -4.76 25.85 15.94
N LYS D 126 -4.09 26.34 17.00
CA LYS D 126 -2.90 27.17 16.87
C LYS D 126 -1.82 26.46 16.04
N GLU D 127 -1.51 25.19 16.38
CA GLU D 127 -0.51 24.36 15.69
C GLU D 127 -0.85 24.18 14.20
N ALA D 128 -2.13 23.92 13.89
CA ALA D 128 -2.62 23.73 12.52
C ALA D 128 -2.51 25.04 11.73
N VAL D 129 -2.85 26.19 12.35
CA VAL D 129 -2.75 27.52 11.71
C VAL D 129 -1.28 27.81 11.35
N ALA D 130 -0.37 27.52 12.29
CA ALA D 130 1.07 27.73 12.10
C ALA D 130 1.72 26.84 11.03
N ASN D 131 1.45 25.52 11.09
CA ASN D 131 2.10 24.50 10.27
C ASN D 131 1.37 24.06 9.02
N LYS D 132 0.07 24.26 8.95
CA LYS D 132 -0.71 23.81 7.79
C LYS D 132 -1.20 25.00 6.98
N GLY D 133 -1.74 26.00 7.65
CA GLY D 133 -2.24 27.20 7.00
C GLY D 133 -3.60 27.59 7.51
N PRO D 134 -4.31 28.50 6.80
CA PRO D 134 -5.65 28.90 7.25
C PRO D 134 -6.60 27.74 7.47
N VAL D 135 -7.37 27.83 8.57
CA VAL D 135 -8.28 26.76 9.00
C VAL D 135 -9.73 27.24 8.94
N SER D 136 -10.61 26.44 8.29
CA SER D 136 -12.05 26.75 8.21
C SER D 136 -12.68 26.47 9.58
N VAL D 137 -13.46 27.41 10.12
CA VAL D 137 -14.08 27.26 11.43
C VAL D 137 -15.50 27.82 11.41
N GLY D 138 -16.28 27.39 12.39
CA GLY D 138 -17.58 27.95 12.67
C GLY D 138 -17.43 28.88 13.87
N VAL D 139 -18.27 29.93 13.96
CA VAL D 139 -18.29 30.82 15.13
C VAL D 139 -19.73 31.15 15.50
N ASP D 140 -19.94 31.50 16.78
CA ASP D 140 -21.21 32.02 17.25
C ASP D 140 -21.11 33.51 16.90
N ALA D 141 -21.77 33.92 15.80
CA ALA D 141 -21.76 35.28 15.30
C ALA D 141 -23.15 35.98 15.39
N ARG D 142 -24.08 35.40 16.18
CA ARG D 142 -25.47 35.87 16.32
C ARG D 142 -25.65 37.12 17.16
N HIS D 143 -24.69 37.39 18.05
CA HIS D 143 -24.76 38.50 18.99
C HIS D 143 -24.64 39.87 18.33
N PRO D 144 -25.49 40.84 18.75
CA PRO D 144 -25.41 42.21 18.20
C PRO D 144 -24.00 42.80 18.08
N SER D 145 -23.12 42.50 19.06
CA SER D 145 -21.72 42.95 19.10
C SER D 145 -20.90 42.46 17.92
N PHE D 146 -21.19 41.25 17.36
CA PHE D 146 -20.47 40.77 16.18
C PHE D 146 -20.87 41.65 14.98
N PHE D 147 -22.17 41.89 14.82
CA PHE D 147 -22.73 42.69 13.73
C PHE D 147 -22.25 44.14 13.74
N LEU D 148 -21.94 44.66 14.94
CA LEU D 148 -21.50 46.03 15.14
C LEU D 148 -19.99 46.17 15.25
N TYR D 149 -19.25 45.03 15.20
CA TYR D 149 -17.79 44.99 15.32
C TYR D 149 -17.11 45.90 14.31
N ARG D 150 -16.21 46.75 14.83
CA ARG D 150 -15.40 47.67 14.04
C ARG D 150 -13.91 47.38 14.17
N SER D 151 -13.38 47.30 15.41
CA SER D 151 -11.93 47.07 15.62
C SER D 151 -11.54 46.42 16.95
N GLY D 152 -10.27 46.01 17.01
CA GLY D 152 -9.67 45.43 18.21
C GLY D 152 -10.04 43.99 18.44
N VAL D 153 -9.79 43.52 19.67
CA VAL D 153 -10.06 42.13 20.06
C VAL D 153 -11.50 41.97 20.54
N TYR D 154 -12.28 41.20 19.77
CA TYR D 154 -13.67 40.90 20.00
C TYR D 154 -13.85 39.92 21.15
N TYR D 155 -14.55 40.37 22.19
CA TYR D 155 -14.90 39.55 23.33
C TYR D 155 -16.35 39.81 23.67
N GLU D 156 -17.17 38.76 23.61
CA GLU D 156 -18.60 38.82 23.88
C GLU D 156 -18.95 37.88 25.05
N PRO D 157 -19.22 38.41 26.28
CA PRO D 157 -19.54 37.52 27.42
C PRO D 157 -20.72 36.57 27.21
N SER D 158 -21.69 36.95 26.34
CA SER D 158 -22.87 36.13 26.01
C SER D 158 -22.59 35.10 24.88
N CYS D 159 -21.37 35.05 24.34
CA CYS D 159 -21.02 34.09 23.29
C CYS D 159 -21.10 32.66 23.82
N THR D 160 -21.42 31.70 22.94
CA THR D 160 -21.48 30.28 23.27
C THR D 160 -20.56 29.52 22.32
N GLN D 161 -20.35 28.23 22.57
CA GLN D 161 -19.50 27.37 21.74
C GLN D 161 -20.30 26.74 20.59
N ASN D 162 -21.60 27.09 20.50
CA ASN D 162 -22.51 26.63 19.45
C ASN D 162 -22.41 27.59 18.28
N VAL D 163 -21.78 27.10 17.21
CA VAL D 163 -21.45 27.86 15.99
C VAL D 163 -22.68 28.04 15.11
N ASN D 164 -22.67 29.11 14.29
CA ASN D 164 -23.79 29.46 13.41
C ASN D 164 -23.35 30.23 12.17
N HIS D 165 -22.04 30.40 11.95
CA HIS D 165 -21.52 31.15 10.81
C HIS D 165 -20.08 30.66 10.50
N GLY D 166 -19.85 30.32 9.23
CA GLY D 166 -18.57 29.83 8.75
C GLY D 166 -17.64 30.96 8.38
N VAL D 167 -16.41 30.90 8.91
CA VAL D 167 -15.35 31.90 8.72
C VAL D 167 -13.99 31.19 8.49
N LEU D 168 -12.91 31.96 8.27
CA LEU D 168 -11.59 31.42 8.01
C LEU D 168 -10.57 32.02 8.99
N VAL D 169 -9.80 31.16 9.71
CA VAL D 169 -8.74 31.64 10.60
C VAL D 169 -7.49 31.72 9.76
N VAL D 170 -7.03 32.95 9.49
CA VAL D 170 -5.86 33.20 8.64
C VAL D 170 -4.60 33.57 9.46
N GLY D 171 -4.75 33.56 10.77
CA GLY D 171 -3.65 33.84 11.68
C GLY D 171 -4.07 33.93 13.11
N TYR D 172 -3.13 34.39 13.93
CA TYR D 172 -3.29 34.59 15.37
C TYR D 172 -2.17 35.50 15.89
N GLY D 173 -2.41 36.17 16.99
CA GLY D 173 -1.45 37.05 17.62
C GLY D 173 -2.01 37.62 18.89
N ASP D 174 -1.57 38.83 19.23
CA ASP D 174 -2.03 39.53 20.43
C ASP D 174 -1.99 41.04 20.21
N LEU D 175 -2.97 41.74 20.81
CA LEU D 175 -3.05 43.19 20.73
C LEU D 175 -2.71 43.66 22.12
N ASN D 176 -1.44 44.01 22.30
CA ASN D 176 -0.85 44.45 23.56
C ASN D 176 -1.14 43.46 24.70
N GLY D 177 -0.96 42.17 24.42
CA GLY D 177 -1.20 41.12 25.39
C GLY D 177 -2.53 40.38 25.25
N LYS D 178 -3.53 41.03 24.64
CA LYS D 178 -4.86 40.43 24.43
C LYS D 178 -4.78 39.53 23.20
N GLU D 179 -4.70 38.21 23.45
CA GLU D 179 -4.56 37.18 22.41
C GLU D 179 -5.79 37.11 21.53
N TYR D 180 -5.56 36.90 20.23
CA TYR D 180 -6.66 36.81 19.28
C TYR D 180 -6.40 35.80 18.16
N TRP D 181 -7.47 35.47 17.43
CA TRP D 181 -7.49 34.67 16.21
C TRP D 181 -7.83 35.69 15.12
N LEU D 182 -7.02 35.74 14.04
CA LEU D 182 -7.24 36.64 12.92
C LEU D 182 -8.21 35.95 12.00
N VAL D 183 -9.42 36.50 11.90
CA VAL D 183 -10.51 35.84 11.20
C VAL D 183 -10.99 36.59 10.00
N LYS D 184 -11.08 35.89 8.85
CA LYS D 184 -11.56 36.44 7.59
C LYS D 184 -13.02 36.14 7.49
N ASN D 185 -13.84 37.20 7.41
CA ASN D 185 -15.28 37.06 7.25
C ASN D 185 -15.63 37.23 5.76
N SER D 186 -16.90 37.07 5.41
CA SER D 186 -17.39 37.18 4.04
C SER D 186 -18.53 38.21 3.94
N TRP D 187 -18.37 39.34 4.67
CA TRP D 187 -19.33 40.43 4.69
C TRP D 187 -18.75 41.69 4.02
N GLY D 188 -17.80 41.50 3.10
CA GLY D 188 -17.14 42.59 2.40
C GLY D 188 -16.15 43.34 3.27
N HIS D 189 -15.41 44.29 2.67
CA HIS D 189 -14.37 45.03 3.38
C HIS D 189 -14.91 46.07 4.39
N ASN D 190 -16.21 46.44 4.33
CA ASN D 190 -16.77 47.42 5.26
C ASN D 190 -17.07 46.83 6.64
N PHE D 191 -17.02 45.49 6.79
CA PHE D 191 -17.19 44.84 8.09
C PHE D 191 -15.84 44.85 8.81
N GLY D 192 -15.84 45.25 10.07
CA GLY D 192 -14.67 45.23 10.94
C GLY D 192 -13.43 45.91 10.39
N GLU D 193 -12.27 45.25 10.54
CA GLU D 193 -10.99 45.81 10.09
C GLU D 193 -10.66 45.33 8.67
N GLU D 194 -11.25 46.00 7.69
CA GLU D 194 -11.12 45.71 6.26
C GLU D 194 -11.60 44.30 5.92
N GLY D 195 -12.70 43.87 6.56
CA GLY D 195 -13.31 42.57 6.34
C GLY D 195 -12.89 41.49 7.31
N TYR D 196 -12.00 41.84 8.26
CA TYR D 196 -11.46 40.93 9.28
C TYR D 196 -12.00 41.25 10.66
N ILE D 197 -12.02 40.21 11.51
CA ILE D 197 -12.37 40.29 12.92
C ILE D 197 -11.29 39.59 13.73
N ARG D 198 -10.73 40.29 14.74
CA ARG D 198 -9.77 39.68 15.67
C ARG D 198 -10.57 39.22 16.88
N MET D 199 -10.72 37.89 17.04
CA MET D 199 -11.56 37.29 18.08
C MET D 199 -10.74 36.71 19.21
N ALA D 200 -11.20 36.91 20.47
CA ALA D 200 -10.50 36.43 21.68
C ALA D 200 -10.01 34.98 21.58
N ARG D 201 -8.70 34.79 21.81
CA ARG D 201 -8.03 33.48 21.77
C ARG D 201 -7.63 33.10 23.18
N ASN D 202 -7.64 31.78 23.48
CA ASN D 202 -7.29 31.19 24.77
C ASN D 202 -8.22 31.70 25.89
N LYS D 203 -9.49 31.95 25.53
CA LYS D 203 -10.54 32.39 26.44
C LYS D 203 -11.66 31.31 26.48
N GLY D 204 -11.24 30.06 26.68
CA GLY D 204 -12.13 28.91 26.82
C GLY D 204 -13.04 28.64 25.64
N ASN D 205 -12.46 28.60 24.42
CA ASN D 205 -13.16 28.38 23.14
C ASN D 205 -14.23 29.45 22.91
N HIS D 206 -13.82 30.71 23.01
CA HIS D 206 -14.69 31.87 22.87
C HIS D 206 -15.39 31.90 21.52
N CYS D 207 -16.73 31.97 21.55
CA CYS D 207 -17.62 31.92 20.39
C CYS D 207 -17.52 30.61 19.59
N GLY D 208 -16.95 29.57 20.19
CA GLY D 208 -16.82 28.25 19.58
C GLY D 208 -15.90 28.23 18.37
N ILE D 209 -14.87 29.08 18.39
CA ILE D 209 -13.92 29.20 17.30
C ILE D 209 -13.21 27.85 17.01
N ALA D 210 -12.90 27.07 18.07
CA ALA D 210 -12.23 25.78 17.94
C ALA D 210 -13.20 24.60 18.11
N SER D 211 -14.51 24.84 18.01
CA SER D 211 -15.55 23.80 18.10
C SER D 211 -15.47 22.86 16.92
N PHE D 212 -15.59 23.39 15.67
CA PHE D 212 -15.57 22.54 14.47
C PHE D 212 -14.57 23.02 13.41
N PRO D 213 -13.24 22.94 13.69
CA PRO D 213 -12.25 23.38 12.70
C PRO D 213 -11.92 22.28 11.68
N SER D 214 -11.66 22.68 10.42
CA SER D 214 -11.26 21.78 9.33
C SER D 214 -10.38 22.47 8.29
N TYR D 215 -9.48 21.73 7.66
CA TYR D 215 -8.61 22.30 6.64
C TYR D 215 -8.38 21.30 5.51
N PRO D 216 -8.33 21.74 4.23
CA PRO D 216 -8.07 20.80 3.14
C PRO D 216 -6.57 20.69 2.86
N GLU D 217 -6.19 19.70 2.04
CA GLU D 217 -4.80 19.54 1.61
C GLU D 217 -4.73 19.09 0.17
N ILE D 218 -3.68 19.53 -0.56
CA ILE D 218 -3.37 19.17 -1.96
C ILE D 218 -2.04 18.42 -1.86
N LEU D 219 -2.07 17.11 -2.09
CA LEU D 219 -0.86 16.28 -1.95
C LEU D 219 -0.03 16.19 -3.22
N GLN D 220 1.29 16.14 -3.04
CA GLN D 220 2.26 16.05 -4.12
C GLN D 220 2.90 14.68 -4.04
N GLY D 221 2.28 13.73 -4.75
CA GLY D 221 2.68 12.33 -4.80
C GLY D 221 2.64 11.65 -3.45
N GLY D 222 3.69 10.88 -3.16
CA GLY D 222 3.82 10.19 -1.87
C GLY D 222 4.89 9.12 -1.81
N GLY D 223 5.22 8.73 -0.58
CA GLY D 223 6.19 7.68 -0.30
C GLY D 223 5.84 6.86 0.94
#